data_5J4I
#
_entry.id   5J4I
#
_cell.length_a   104.739
_cell.length_b   175.424
_cell.length_c   73.148
_cell.angle_alpha   90.00
_cell.angle_beta   90.00
_cell.angle_gamma   90.00
#
_symmetry.space_group_name_H-M   'P 21 21 2'
#
loop_
_entity.id
_entity.type
_entity.pdbx_description
1 polymer 'Arginine/agmatine antiporter'
2 water water
#
_entity_poly.entity_id   1
_entity_poly.type   'polypeptide(L)'
_entity_poly.pdbx_seq_one_letter_code
;MSSDADAHKVGLIPVTLMVSGNIMGSGVFLLPANLASTGGIAIYGWLVTIIGALGLSMVYAKMSFLDPSPGGSYAYARRC
FGPFLGYQTNVLYWLACWIGNIAMVVIGVGYLSYFFPILKDPLVLTITCVVVLWIFVLLNIVGPKMITRVQAVATVLALI
PIVGIAVFGWFWFRGETYMAAWNVSGLGTFGAIQSTLNVTLWSFIGVESASVAAGVVKNPKRNVPIATIGGVLIAAVCYV
LSTTAIMGMIPNAALRVSASPFGDAARMALGDTAGAIVSFCAAAGCLGSLGGWTLLAGQTAKAAADDGLFPPIFARVNKA
GTPVAGLIIVGILMTIFQLSSISPNATKEFGLVSSVSVIFTLVPYLYTCAALLLLGHGHFGKARPAYLAVTTIAFLYCIW
AVVGSGAKEVMWSFVTLMVITAMYALNYNRLHKNPYPLDAPISKDLELEVLFQ
;
_entity_poly.pdbx_strand_id   A,B
#
# COMPACT_ATOMS: atom_id res chain seq x y z
N ALA A 5 32.16 26.00 -4.71
CA ALA A 5 31.26 24.86 -4.57
C ALA A 5 31.67 23.71 -5.47
N ASP A 6 32.21 24.07 -6.63
CA ASP A 6 32.62 23.10 -7.66
C ASP A 6 33.74 22.16 -7.17
N ALA A 7 34.41 22.56 -6.10
CA ALA A 7 35.58 21.85 -5.58
C ALA A 7 35.22 20.55 -4.85
N HIS A 8 33.99 20.43 -4.38
CA HIS A 8 33.57 19.25 -3.65
C HIS A 8 32.63 18.38 -4.49
N LYS A 9 32.64 18.59 -5.79
CA LYS A 9 31.81 17.80 -6.69
C LYS A 9 32.57 16.61 -7.28
N VAL A 10 31.81 15.57 -7.58
CA VAL A 10 32.32 14.29 -8.05
C VAL A 10 32.18 14.19 -9.57
N GLY A 11 33.18 13.63 -10.25
CA GLY A 11 33.18 13.55 -11.71
C GLY A 11 32.45 12.34 -12.28
N LEU A 12 32.37 12.27 -13.61
CA LEU A 12 31.60 11.26 -14.32
C LEU A 12 31.95 9.80 -13.92
N ILE A 13 33.24 9.46 -13.93
CA ILE A 13 33.64 8.09 -13.68
C ILE A 13 33.24 7.60 -12.29
N PRO A 14 33.60 8.36 -11.23
CA PRO A 14 33.18 7.80 -9.94
C PRO A 14 31.65 7.69 -9.76
N VAL A 15 30.86 8.63 -10.28
CA VAL A 15 29.41 8.57 -10.15
C VAL A 15 28.82 7.35 -10.89
N THR A 16 29.37 7.05 -12.07
CA THR A 16 28.94 5.88 -12.84
C THR A 16 29.27 4.57 -12.11
N LEU A 17 30.45 4.50 -11.50
CA LEU A 17 30.82 3.33 -10.74
C LEU A 17 30.04 3.24 -9.42
N MET A 18 29.57 4.38 -8.89
CA MET A 18 28.67 4.34 -7.74
C MET A 18 27.30 3.75 -8.12
N VAL A 19 26.80 4.12 -9.29
CA VAL A 19 25.53 3.56 -9.75
C VAL A 19 25.64 2.06 -9.98
N SER A 20 26.63 1.65 -10.77
CA SER A 20 26.80 0.24 -11.06
C SER A 20 27.17 -0.53 -9.78
N GLY A 21 27.99 0.08 -8.93
CA GLY A 21 28.35 -0.52 -7.66
C GLY A 21 27.18 -0.64 -6.68
N ASN A 22 26.31 0.38 -6.61
CA ASN A 22 25.15 0.26 -5.72
C ASN A 22 24.16 -0.77 -6.23
N ILE A 23 24.09 -0.93 -7.54
CA ILE A 23 23.20 -1.90 -8.15
C ILE A 23 23.68 -3.34 -7.93
N MET A 24 24.93 -3.62 -8.29
CA MET A 24 25.51 -4.94 -8.19
C MET A 24 25.83 -5.47 -6.82
N GLY A 25 26.44 -4.67 -5.97
CA GLY A 25 26.44 -4.91 -4.55
C GLY A 25 26.82 -6.27 -4.02
N SER A 26 26.01 -6.73 -3.09
CA SER A 26 25.94 -8.10 -2.64
C SER A 26 25.34 -9.05 -3.64
N GLY A 27 24.33 -8.58 -4.35
CA GLY A 27 23.57 -9.43 -5.23
C GLY A 27 24.38 -10.21 -6.26
N VAL A 28 25.31 -9.55 -6.94
CA VAL A 28 25.88 -10.10 -8.17
C VAL A 28 26.53 -11.48 -7.97
N PHE A 29 27.21 -11.69 -6.84
CA PHE A 29 27.88 -12.96 -6.61
C PHE A 29 26.93 -14.09 -6.16
N LEU A 30 25.68 -13.75 -5.85
CA LEU A 30 24.70 -14.74 -5.38
C LEU A 30 23.65 -15.11 -6.45
N LEU A 31 23.48 -14.26 -7.46
CA LEU A 31 22.52 -14.49 -8.53
C LEU A 31 22.54 -15.89 -9.17
N PRO A 32 23.72 -16.39 -9.61
CA PRO A 32 23.65 -17.72 -10.22
C PRO A 32 23.02 -18.78 -9.32
N ALA A 33 23.30 -18.75 -8.03
CA ALA A 33 22.74 -19.73 -7.11
C ALA A 33 21.22 -19.56 -6.99
N ASN A 34 20.76 -18.32 -6.94
CA ASN A 34 19.33 -18.02 -6.87
C ASN A 34 18.56 -18.46 -8.12
N LEU A 35 19.18 -18.32 -9.28
CA LEU A 35 18.53 -18.62 -10.54
C LEU A 35 18.58 -20.10 -10.91
N ALA A 36 19.44 -20.85 -10.23
CA ALA A 36 19.66 -22.27 -10.56
C ALA A 36 18.48 -23.19 -10.20
N SER A 37 17.62 -22.75 -9.29
CA SER A 37 16.40 -23.48 -8.99
C SER A 37 15.35 -23.29 -10.10
N THR A 38 15.61 -22.35 -11.01
CA THR A 38 14.76 -22.18 -12.18
C THR A 38 15.40 -22.82 -13.40
N GLY A 39 16.69 -22.52 -13.61
CA GLY A 39 17.43 -23.07 -14.74
C GLY A 39 17.77 -22.04 -15.82
N GLY A 40 18.33 -22.52 -16.93
CA GLY A 40 18.77 -21.67 -18.02
C GLY A 40 17.71 -20.78 -18.65
N ILE A 41 16.45 -21.16 -18.51
CA ILE A 41 15.31 -20.39 -19.03
C ILE A 41 15.27 -18.99 -18.40
N ALA A 42 16.05 -18.79 -17.34
CA ALA A 42 16.19 -17.49 -16.68
C ALA A 42 16.63 -16.38 -17.64
N ILE A 43 17.29 -16.76 -18.74
CA ILE A 43 17.67 -15.81 -19.79
C ILE A 43 16.44 -15.04 -20.30
N TYR A 44 15.27 -15.69 -20.32
CA TYR A 44 14.03 -15.04 -20.73
C TYR A 44 13.63 -13.98 -19.72
N GLY A 45 13.79 -14.31 -18.46
CA GLY A 45 13.58 -13.37 -17.38
C GLY A 45 14.56 -12.21 -17.42
N TRP A 46 15.82 -12.47 -17.78
CA TRP A 46 16.82 -11.39 -17.91
C TRP A 46 16.43 -10.40 -18.99
N LEU A 47 16.04 -10.93 -20.14
CA LEU A 47 15.61 -10.08 -21.27
C LEU A 47 14.47 -9.14 -20.87
N VAL A 48 13.44 -9.67 -20.22
CA VAL A 48 12.32 -8.87 -19.74
C VAL A 48 12.77 -7.83 -18.73
N THR A 49 13.58 -8.26 -17.76
CA THR A 49 14.05 -7.38 -16.69
C THR A 49 14.87 -6.21 -17.20
N ILE A 50 15.74 -6.50 -18.15
CA ILE A 50 16.67 -5.49 -18.66
C ILE A 50 15.95 -4.47 -19.51
N ILE A 51 14.90 -4.89 -20.22
CA ILE A 51 14.10 -3.93 -20.95
C ILE A 51 13.40 -2.99 -19.96
N GLY A 52 12.83 -3.57 -18.90
CA GLY A 52 12.18 -2.79 -17.85
C GLY A 52 13.15 -1.88 -17.13
N ALA A 53 14.30 -2.43 -16.76
CA ALA A 53 15.31 -1.67 -16.03
C ALA A 53 15.90 -0.55 -16.90
N LEU A 54 16.14 -0.80 -18.18
CA LEU A 54 16.65 0.25 -19.05
C LEU A 54 15.61 1.36 -19.16
N GLY A 55 14.34 0.96 -19.29
CA GLY A 55 13.23 1.90 -19.30
C GLY A 55 13.27 2.81 -18.09
N LEU A 56 13.31 2.21 -16.90
CA LEU A 56 13.41 2.98 -15.66
C LEU A 56 14.63 3.89 -15.63
N SER A 57 15.75 3.44 -16.18
CA SER A 57 16.96 4.26 -16.15
C SER A 57 16.84 5.44 -17.12
N MET A 58 16.19 5.23 -18.26
CA MET A 58 15.92 6.32 -19.20
C MET A 58 15.02 7.37 -18.58
N VAL A 59 14.04 6.92 -17.79
CA VAL A 59 13.15 7.83 -17.09
C VAL A 59 13.96 8.71 -16.15
N TYR A 60 14.83 8.10 -15.33
CA TYR A 60 15.66 8.84 -14.39
C TYR A 60 16.66 9.76 -15.10
N ALA A 61 17.23 9.29 -16.21
CA ALA A 61 18.15 10.10 -16.98
C ALA A 61 17.46 11.35 -17.53
N LYS A 62 16.25 11.18 -18.08
CA LYS A 62 15.52 12.30 -18.68
C LYS A 62 15.02 13.28 -17.62
N MET A 63 14.56 12.76 -16.49
CA MET A 63 14.05 13.60 -15.41
C MET A 63 15.18 14.42 -14.80
N SER A 64 16.32 13.77 -14.54
CA SER A 64 17.46 14.47 -13.96
C SER A 64 18.06 15.46 -14.95
N PHE A 65 17.94 15.17 -16.25
CA PHE A 65 18.36 16.14 -17.26
C PHE A 65 17.52 17.40 -17.18
N LEU A 66 16.20 17.22 -17.06
CA LEU A 66 15.26 18.34 -16.96
C LEU A 66 15.33 19.05 -15.61
N ASP A 67 15.63 18.31 -14.56
CA ASP A 67 15.68 18.86 -13.21
C ASP A 67 16.73 18.16 -12.35
N PRO A 68 17.99 18.57 -12.47
CA PRO A 68 19.01 17.91 -11.64
C PRO A 68 19.00 18.41 -10.19
N SER A 69 17.84 18.34 -9.54
CA SER A 69 17.71 18.74 -8.14
C SER A 69 18.29 17.69 -7.20
N PRO A 70 18.89 18.14 -6.08
CA PRO A 70 19.36 17.25 -5.00
C PRO A 70 18.23 16.38 -4.45
N GLY A 71 18.52 15.13 -4.15
CA GLY A 71 17.54 14.23 -3.62
C GLY A 71 16.81 13.41 -4.64
N GLY A 72 17.05 13.59 -5.91
CA GLY A 72 16.42 12.76 -6.90
C GLY A 72 14.91 12.70 -6.87
N SER A 73 14.42 11.50 -6.62
CA SER A 73 13.02 11.20 -6.61
C SER A 73 12.28 12.09 -5.63
N TYR A 74 12.88 12.40 -4.50
CA TYR A 74 12.23 13.23 -3.50
C TYR A 74 11.82 14.56 -4.12
N ALA A 75 12.76 15.18 -4.82
CA ALA A 75 12.56 16.48 -5.42
C ALA A 75 11.50 16.44 -6.53
N TYR A 76 11.52 15.38 -7.34
CA TYR A 76 10.58 15.27 -8.47
C TYR A 76 9.16 15.08 -7.95
N ALA A 77 9.01 14.26 -6.91
CA ALA A 77 7.69 14.00 -6.34
C ALA A 77 7.10 15.26 -5.70
N ARG A 78 7.93 16.01 -4.98
CA ARG A 78 7.51 17.30 -4.41
C ARG A 78 7.05 18.29 -5.49
N ARG A 79 7.76 18.31 -6.62
CA ARG A 79 7.40 19.19 -7.73
C ARG A 79 6.04 18.88 -8.31
N CYS A 80 5.76 17.61 -8.58
CA CYS A 80 4.54 17.30 -9.31
C CYS A 80 3.35 17.02 -8.37
N PHE A 81 3.64 16.64 -7.13
CA PHE A 81 2.56 16.27 -6.20
C PHE A 81 2.47 17.14 -4.93
N GLY A 82 3.54 17.85 -4.60
CA GLY A 82 3.50 18.76 -3.47
C GLY A 82 4.20 18.20 -2.24
N PRO A 83 4.22 18.98 -1.15
CA PRO A 83 4.98 18.67 0.07
C PRO A 83 4.68 17.30 0.71
N PHE A 84 3.42 16.85 0.71
CA PHE A 84 3.06 15.61 1.37
C PHE A 84 3.74 14.41 0.72
N LEU A 85 3.63 14.29 -0.60
CA LEU A 85 4.25 13.17 -1.28
C LEU A 85 5.79 13.32 -1.38
N GLY A 86 6.30 14.55 -1.31
CA GLY A 86 7.74 14.78 -1.18
C GLY A 86 8.22 14.19 0.15
N TYR A 87 7.53 14.58 1.22
CA TYR A 87 7.77 14.07 2.57
C TYR A 87 7.73 12.54 2.63
N GLN A 88 6.69 11.95 2.05
CA GLN A 88 6.55 10.51 2.01
C GLN A 88 7.71 9.84 1.28
N THR A 89 8.03 10.39 0.11
CA THR A 89 9.12 9.87 -0.71
C THR A 89 10.42 9.79 0.07
N ASN A 90 10.79 10.88 0.74
CA ASN A 90 12.03 10.90 1.48
C ASN A 90 12.06 9.90 2.64
N VAL A 91 11.01 9.88 3.45
CA VAL A 91 10.96 8.96 4.58
C VAL A 91 11.16 7.52 4.10
N LEU A 92 10.39 7.14 3.08
CA LEU A 92 10.51 5.80 2.50
C LEU A 92 11.93 5.55 2.01
N TYR A 93 12.48 6.45 1.20
CA TYR A 93 13.77 6.19 0.56
C TYR A 93 14.93 6.22 1.55
N TRP A 94 14.93 7.22 2.44
CA TRP A 94 15.90 7.33 3.52
C TRP A 94 15.96 6.04 4.34
N LEU A 95 14.78 5.55 4.74
CA LEU A 95 14.70 4.33 5.51
C LEU A 95 15.28 3.15 4.72
N ALA A 96 14.86 3.03 3.46
CA ALA A 96 15.36 1.96 2.61
C ALA A 96 16.89 2.00 2.51
N CYS A 97 17.47 3.19 2.42
CA CYS A 97 18.91 3.33 2.28
C CYS A 97 19.69 2.74 3.47
N TRP A 98 19.43 3.21 4.69
CA TRP A 98 20.28 2.80 5.79
C TRP A 98 19.89 1.45 6.36
N ILE A 99 18.61 1.11 6.30
CA ILE A 99 18.19 -0.22 6.75
C ILE A 99 18.81 -1.32 5.85
N GLY A 100 18.89 -1.05 4.55
CA GLY A 100 19.48 -2.02 3.63
C GLY A 100 20.97 -2.24 3.87
N ASN A 101 21.60 -1.32 4.56
CA ASN A 101 23.05 -1.39 4.80
C ASN A 101 23.40 -2.51 5.77
N ILE A 102 22.43 -2.89 6.59
CA ILE A 102 22.68 -3.90 7.62
C ILE A 102 22.97 -5.25 6.95
N ALA A 103 22.12 -5.63 6.01
CA ALA A 103 22.31 -6.90 5.33
C ALA A 103 23.60 -6.86 4.52
N MET A 104 23.91 -5.70 3.96
CA MET A 104 25.08 -5.57 3.10
C MET A 104 26.39 -5.76 3.86
N VAL A 105 26.48 -5.20 5.06
CA VAL A 105 27.74 -5.28 5.80
C VAL A 105 27.93 -6.70 6.32
N VAL A 106 26.84 -7.34 6.72
CA VAL A 106 26.88 -8.74 7.16
C VAL A 106 27.39 -9.63 6.02
N ILE A 107 26.87 -9.42 4.82
CA ILE A 107 27.31 -10.17 3.66
C ILE A 107 28.78 -9.89 3.34
N GLY A 108 29.14 -8.60 3.34
CA GLY A 108 30.52 -8.18 3.10
C GLY A 108 31.53 -8.74 4.09
N VAL A 109 31.24 -8.60 5.39
CA VAL A 109 32.12 -9.18 6.42
C VAL A 109 32.10 -10.70 6.33
N GLY A 110 30.94 -11.23 5.95
CA GLY A 110 30.81 -12.66 5.73
C GLY A 110 31.83 -13.16 4.74
N TYR A 111 31.97 -12.47 3.61
CA TYR A 111 32.98 -12.86 2.62
C TYR A 111 34.38 -12.85 3.21
N LEU A 112 34.63 -11.92 4.13
CA LEU A 112 35.96 -11.78 4.71
C LEU A 112 36.31 -12.90 5.68
N SER A 113 35.31 -13.70 6.02
CA SER A 113 35.49 -14.81 6.93
C SER A 113 36.18 -15.96 6.22
N TYR A 114 36.31 -15.84 4.89
CA TYR A 114 37.11 -16.77 4.11
C TYR A 114 38.56 -16.71 4.60
N PHE A 115 39.00 -15.52 4.97
CA PHE A 115 40.34 -15.31 5.50
C PHE A 115 40.34 -15.48 7.02
N PHE A 116 39.37 -14.85 7.67
CA PHE A 116 39.29 -14.86 9.13
C PHE A 116 38.00 -15.50 9.63
N PRO A 117 38.02 -16.83 9.83
CA PRO A 117 36.84 -17.60 10.21
C PRO A 117 36.25 -17.22 11.58
N ILE A 118 37.03 -16.50 12.40
CA ILE A 118 36.50 -15.95 13.65
C ILE A 118 35.31 -15.02 13.36
N LEU A 119 35.24 -14.49 12.14
CA LEU A 119 34.19 -13.59 11.72
C LEU A 119 32.89 -14.29 11.53
N LYS A 120 32.87 -15.59 11.75
CA LYS A 120 31.63 -16.37 11.59
C LYS A 120 30.94 -16.55 12.94
N ASP A 121 31.69 -16.29 14.01
CA ASP A 121 31.08 -16.13 15.34
C ASP A 121 30.21 -14.87 15.36
N PRO A 122 28.91 -15.03 15.68
CA PRO A 122 27.94 -13.93 15.64
C PRO A 122 28.32 -12.71 16.49
N LEU A 123 29.06 -12.92 17.58
CA LEU A 123 29.47 -11.81 18.42
C LEU A 123 30.57 -11.00 17.77
N VAL A 124 31.58 -11.67 17.24
CA VAL A 124 32.68 -11.01 16.56
C VAL A 124 32.18 -10.37 15.26
N LEU A 125 31.28 -11.07 14.58
CA LEU A 125 30.66 -10.55 13.37
C LEU A 125 29.94 -9.22 13.62
N THR A 126 29.18 -9.13 14.71
CA THR A 126 28.39 -7.93 15.03
C THR A 126 29.27 -6.72 15.38
N ILE A 127 30.28 -6.94 16.20
CA ILE A 127 31.25 -5.91 16.55
C ILE A 127 31.96 -5.39 15.30
N THR A 128 32.43 -6.32 14.48
CA THR A 128 33.10 -6.02 13.22
C THR A 128 32.19 -5.21 12.28
N CYS A 129 30.94 -5.64 12.14
CA CYS A 129 29.97 -4.92 11.33
C CYS A 129 29.74 -3.50 11.83
N VAL A 130 29.57 -3.34 13.14
CA VAL A 130 29.44 -2.00 13.71
C VAL A 130 30.67 -1.14 13.35
N VAL A 131 31.87 -1.71 13.52
CA VAL A 131 33.08 -0.97 13.22
C VAL A 131 33.15 -0.57 11.74
N VAL A 132 32.85 -1.52 10.86
CA VAL A 132 32.89 -1.26 9.42
C VAL A 132 31.85 -0.21 9.00
N LEU A 133 30.68 -0.23 9.65
CA LEU A 133 29.63 0.75 9.34
C LEU A 133 30.11 2.15 9.69
N TRP A 134 30.76 2.29 10.84
CA TRP A 134 31.29 3.58 11.26
C TRP A 134 32.46 4.05 10.39
N ILE A 135 33.23 3.10 9.87
CA ILE A 135 34.28 3.47 8.94
C ILE A 135 33.67 4.18 7.72
N PHE A 136 32.61 3.62 7.15
CA PHE A 136 32.07 4.20 5.93
C PHE A 136 31.21 5.44 6.21
N VAL A 137 30.65 5.54 7.41
CA VAL A 137 30.08 6.81 7.86
C VAL A 137 31.16 7.89 7.93
N LEU A 138 32.31 7.57 8.53
CA LEU A 138 33.39 8.55 8.71
C LEU A 138 34.00 8.95 7.37
N LEU A 139 34.14 7.98 6.45
CA LEU A 139 34.58 8.29 5.10
C LEU A 139 33.60 9.25 4.41
N ASN A 140 32.30 9.09 4.66
CA ASN A 140 31.30 10.01 4.10
C ASN A 140 31.43 11.42 4.69
N ILE A 141 31.86 11.51 5.94
CA ILE A 141 32.07 12.79 6.60
C ILE A 141 33.30 13.49 6.02
N VAL A 142 34.29 12.71 5.57
CA VAL A 142 35.43 13.31 4.88
C VAL A 142 34.94 14.00 3.60
N GLY A 143 33.93 13.42 2.96
CA GLY A 143 33.30 14.07 1.81
C GLY A 143 32.98 13.11 0.68
N PRO A 144 32.08 13.54 -0.22
CA PRO A 144 31.62 12.70 -1.35
C PRO A 144 32.74 12.33 -2.32
N LYS A 145 33.74 13.20 -2.48
CA LYS A 145 34.91 12.87 -3.29
C LYS A 145 35.68 11.69 -2.69
N MET A 146 35.83 11.68 -1.38
CA MET A 146 36.45 10.54 -0.72
C MET A 146 35.60 9.25 -0.87
N ILE A 147 34.30 9.33 -0.58
CA ILE A 147 33.49 8.11 -0.56
C ILE A 147 33.30 7.51 -1.97
N THR A 148 33.16 8.36 -3.00
CA THR A 148 32.98 7.83 -4.35
C THR A 148 34.32 7.31 -4.92
N ARG A 149 35.43 7.86 -4.44
CA ARG A 149 36.74 7.35 -4.87
C ARG A 149 37.00 5.95 -4.27
N VAL A 150 36.65 5.79 -3.00
CA VAL A 150 36.73 4.50 -2.32
C VAL A 150 35.80 3.48 -3.00
N GLN A 151 34.55 3.87 -3.22
CA GLN A 151 33.62 2.97 -3.89
C GLN A 151 34.04 2.67 -5.32
N ALA A 152 34.63 3.63 -6.02
CA ALA A 152 35.06 3.40 -7.39
C ALA A 152 36.08 2.26 -7.43
N VAL A 153 37.08 2.34 -6.56
CA VAL A 153 38.09 1.29 -6.44
C VAL A 153 37.46 -0.07 -6.07
N ALA A 154 36.60 -0.06 -5.06
CA ALA A 154 35.93 -1.25 -4.57
C ALA A 154 35.09 -1.90 -5.68
N THR A 155 34.37 -1.07 -6.42
CA THR A 155 33.52 -1.53 -7.53
C THR A 155 34.37 -2.16 -8.64
N VAL A 156 35.52 -1.57 -8.92
CA VAL A 156 36.38 -2.13 -9.96
C VAL A 156 36.96 -3.48 -9.53
N LEU A 157 37.35 -3.59 -8.26
CA LEU A 157 37.82 -4.85 -7.68
C LEU A 157 36.73 -5.90 -7.75
N ALA A 158 35.52 -5.50 -7.38
CA ALA A 158 34.38 -6.42 -7.37
C ALA A 158 34.07 -6.93 -8.78
N LEU A 159 34.45 -6.14 -9.77
CA LEU A 159 34.21 -6.47 -11.18
C LEU A 159 35.23 -7.44 -11.74
N ILE A 160 36.34 -7.66 -11.04
CA ILE A 160 37.38 -8.57 -11.54
C ILE A 160 36.89 -10.02 -11.73
N PRO A 161 36.27 -10.63 -10.69
CA PRO A 161 35.81 -12.01 -10.96
C PRO A 161 34.61 -12.06 -11.92
N ILE A 162 33.74 -11.06 -11.85
CA ILE A 162 32.55 -10.95 -12.70
C ILE A 162 32.91 -10.85 -14.17
N VAL A 163 33.71 -9.85 -14.51
CA VAL A 163 34.13 -9.64 -15.89
C VAL A 163 35.04 -10.77 -16.35
N GLY A 164 35.90 -11.27 -15.46
CA GLY A 164 36.79 -12.37 -15.79
C GLY A 164 36.03 -13.56 -16.37
N ILE A 165 35.04 -14.04 -15.61
CA ILE A 165 34.12 -15.08 -16.05
C ILE A 165 33.34 -14.71 -17.33
N ALA A 166 32.76 -13.51 -17.35
CA ALA A 166 31.95 -13.03 -18.47
C ALA A 166 32.73 -12.90 -19.78
N VAL A 167 34.05 -12.95 -19.70
CA VAL A 167 34.89 -12.89 -20.89
C VAL A 167 35.63 -14.19 -21.12
N PHE A 168 36.17 -14.79 -20.05
CA PHE A 168 37.10 -15.90 -20.19
C PHE A 168 36.51 -17.21 -19.70
N GLY A 169 35.35 -17.16 -19.09
CA GLY A 169 34.67 -18.36 -18.67
C GLY A 169 34.10 -19.09 -19.87
N TRP A 170 33.92 -18.36 -20.97
CA TRP A 170 33.32 -18.93 -22.17
C TRP A 170 34.20 -20.00 -22.82
N PHE A 171 35.48 -20.03 -22.43
CA PHE A 171 36.38 -21.10 -22.89
C PHE A 171 35.97 -22.45 -22.26
N TRP A 172 35.38 -22.39 -21.07
CA TRP A 172 34.98 -23.59 -20.34
C TRP A 172 33.46 -23.85 -20.44
N PHE A 173 32.74 -22.91 -21.05
CA PHE A 173 31.30 -22.99 -21.16
C PHE A 173 30.88 -24.15 -22.04
N ARG A 174 29.82 -24.86 -21.64
CA ARG A 174 29.27 -25.97 -22.42
C ARG A 174 27.74 -25.88 -22.52
N GLY A 175 27.24 -25.92 -23.75
CA GLY A 175 25.81 -25.80 -24.00
C GLY A 175 25.00 -26.97 -23.50
N GLU A 176 25.61 -28.13 -23.46
CA GLU A 176 24.98 -29.31 -22.97
C GLU A 176 24.69 -29.14 -21.51
N THR A 177 25.63 -28.57 -20.78
CA THR A 177 25.49 -28.32 -19.35
C THR A 177 24.37 -27.32 -19.10
N TYR A 178 24.37 -26.25 -19.88
CA TYR A 178 23.39 -25.19 -19.73
C TYR A 178 21.99 -25.72 -20.02
N MET A 179 21.88 -26.49 -21.10
CA MET A 179 20.58 -26.94 -21.57
C MET A 179 20.06 -28.16 -20.83
N ALA A 180 20.95 -28.90 -20.16
CA ALA A 180 20.51 -30.01 -19.33
C ALA A 180 19.65 -29.48 -18.19
N ALA A 181 19.87 -28.22 -17.83
CA ALA A 181 19.07 -27.60 -16.80
C ALA A 181 18.28 -26.41 -17.32
N TRP A 182 17.76 -26.52 -18.55
CA TRP A 182 16.99 -25.42 -19.14
C TRP A 182 15.83 -24.96 -18.27
N ASN A 183 15.12 -25.90 -17.65
CA ASN A 183 13.98 -25.58 -16.79
C ASN A 183 13.80 -26.66 -15.73
N VAL A 184 14.28 -26.37 -14.54
CA VAL A 184 14.23 -27.34 -13.46
C VAL A 184 13.28 -26.83 -12.37
N SER A 185 12.48 -25.82 -12.69
CA SER A 185 11.53 -25.24 -11.75
C SER A 185 10.30 -26.11 -11.51
N GLY A 186 10.00 -27.00 -12.46
CA GLY A 186 8.78 -27.77 -12.40
C GLY A 186 7.56 -26.99 -12.91
N LEU A 187 7.80 -25.75 -13.32
CA LEU A 187 6.74 -24.89 -13.83
C LEU A 187 6.75 -24.81 -15.34
N GLY A 188 5.65 -24.31 -15.90
CA GLY A 188 5.61 -24.07 -17.33
C GLY A 188 6.42 -22.83 -17.62
N THR A 189 6.43 -22.42 -18.89
CA THR A 189 7.27 -21.31 -19.35
C THR A 189 6.96 -19.98 -18.64
N PHE A 190 5.71 -19.55 -18.62
CA PHE A 190 5.38 -18.31 -17.93
C PHE A 190 5.79 -18.37 -16.45
N GLY A 191 5.47 -19.48 -15.79
CA GLY A 191 5.82 -19.67 -14.40
C GLY A 191 7.31 -19.62 -14.13
N ALA A 192 8.09 -20.29 -14.99
CA ALA A 192 9.54 -20.26 -14.88
C ALA A 192 10.06 -18.83 -15.00
N ILE A 193 9.56 -18.10 -16.00
CA ILE A 193 9.95 -16.71 -16.18
C ILE A 193 9.59 -15.88 -14.94
N GLN A 194 8.38 -16.09 -14.45
CA GLN A 194 7.93 -15.39 -13.25
C GLN A 194 8.85 -15.67 -12.05
N SER A 195 9.25 -16.93 -11.87
CA SER A 195 10.12 -17.25 -10.75
C SER A 195 11.49 -16.59 -10.94
N THR A 196 11.88 -16.37 -12.19
CA THR A 196 13.09 -15.62 -12.49
C THR A 196 12.94 -14.14 -12.12
N LEU A 197 11.82 -13.54 -12.53
CA LEU A 197 11.54 -12.14 -12.25
C LEU A 197 11.49 -11.83 -10.75
N ASN A 198 11.04 -12.79 -9.95
CA ASN A 198 11.01 -12.62 -8.50
C ASN A 198 12.42 -12.39 -7.92
N VAL A 199 13.45 -12.73 -8.68
CA VAL A 199 14.83 -12.47 -8.28
C VAL A 199 15.38 -11.28 -9.05
N THR A 200 15.30 -11.33 -10.37
CA THR A 200 15.97 -10.36 -11.23
C THR A 200 15.39 -8.94 -11.18
N LEU A 201 14.10 -8.79 -10.93
CA LEU A 201 13.53 -7.44 -10.88
C LEU A 201 14.13 -6.65 -9.72
N TRP A 202 14.55 -7.33 -8.66
CA TRP A 202 15.12 -6.62 -7.52
C TRP A 202 16.62 -6.38 -7.67
N SER A 203 17.19 -6.79 -8.80
CA SER A 203 18.63 -6.71 -9.06
C SER A 203 19.09 -5.32 -9.50
N PHE A 204 18.14 -4.44 -9.80
CA PHE A 204 18.49 -3.12 -10.32
C PHE A 204 18.12 -2.00 -9.36
N ILE A 205 17.84 -2.34 -8.10
CA ILE A 205 17.75 -1.28 -7.09
C ILE A 205 19.09 -0.53 -7.03
N GLY A 206 19.05 0.79 -7.14
CA GLY A 206 20.26 1.62 -7.16
C GLY A 206 20.35 2.43 -8.44
N VAL A 207 19.42 2.16 -9.36
CA VAL A 207 19.33 2.89 -10.63
C VAL A 207 19.21 4.40 -10.37
N GLU A 208 18.61 4.76 -9.23
CA GLU A 208 18.33 6.16 -8.87
C GLU A 208 19.50 6.90 -8.22
N SER A 209 20.61 6.19 -8.01
CA SER A 209 21.74 6.70 -7.22
C SER A 209 22.28 8.05 -7.67
N ALA A 210 22.57 8.20 -8.96
CA ALA A 210 23.15 9.45 -9.48
C ALA A 210 22.14 10.58 -9.36
N SER A 211 20.88 10.23 -9.61
CA SER A 211 19.79 11.19 -9.54
C SER A 211 19.68 11.72 -8.10
N VAL A 212 19.71 10.82 -7.13
CA VAL A 212 19.54 11.22 -5.72
C VAL A 212 20.76 12.03 -5.29
N ALA A 213 21.94 11.67 -5.83
CA ALA A 213 23.20 12.34 -5.51
C ALA A 213 23.52 13.55 -6.39
N ALA A 214 22.55 14.06 -7.14
CA ALA A 214 22.82 15.13 -8.12
C ALA A 214 23.47 16.38 -7.50
N GLY A 215 23.17 16.68 -6.25
CA GLY A 215 23.73 17.86 -5.61
C GLY A 215 25.23 17.81 -5.31
N VAL A 216 25.85 16.64 -5.50
CA VAL A 216 27.30 16.53 -5.29
C VAL A 216 28.01 16.05 -6.56
N VAL A 217 27.25 15.95 -7.65
CA VAL A 217 27.79 15.61 -8.96
C VAL A 217 28.20 16.87 -9.77
N LYS A 218 29.41 16.82 -10.34
CA LYS A 218 29.86 17.78 -11.35
C LYS A 218 28.96 17.77 -12.60
N ASN A 219 28.58 18.95 -13.09
CA ASN A 219 27.75 19.11 -14.29
C ASN A 219 26.60 18.10 -14.37
N PRO A 220 25.72 18.11 -13.37
CA PRO A 220 24.74 17.02 -13.24
C PRO A 220 23.77 16.92 -14.42
N LYS A 221 23.40 18.03 -15.05
CA LYS A 221 22.54 17.98 -16.22
C LYS A 221 23.15 17.06 -17.30
N ARG A 222 24.48 17.02 -17.38
CA ARG A 222 25.19 16.17 -18.32
C ARG A 222 25.53 14.79 -17.73
N ASN A 223 26.02 14.77 -16.49
CA ASN A 223 26.64 13.56 -15.98
C ASN A 223 25.72 12.57 -15.26
N VAL A 224 24.67 13.07 -14.62
CA VAL A 224 23.69 12.16 -14.02
C VAL A 224 23.00 11.27 -15.09
N PRO A 225 22.53 11.86 -16.22
CA PRO A 225 21.93 10.95 -17.23
C PRO A 225 22.91 9.92 -17.76
N ILE A 226 24.15 10.32 -18.04
CA ILE A 226 25.16 9.37 -18.50
C ILE A 226 25.47 8.30 -17.45
N ALA A 227 25.69 8.70 -16.21
CA ALA A 227 26.02 7.74 -15.16
C ALA A 227 24.85 6.79 -14.87
N THR A 228 23.62 7.32 -14.96
CA THR A 228 22.43 6.51 -14.72
C THR A 228 22.31 5.39 -15.74
N ILE A 229 22.33 5.75 -17.01
CA ILE A 229 22.18 4.79 -18.09
C ILE A 229 23.43 3.91 -18.20
N GLY A 230 24.59 4.52 -18.01
CA GLY A 230 25.86 3.79 -18.08
C GLY A 230 25.98 2.74 -17.00
N GLY A 231 25.61 3.09 -15.78
CA GLY A 231 25.72 2.19 -14.66
C GLY A 231 24.81 0.98 -14.83
N VAL A 232 23.59 1.22 -15.30
CA VAL A 232 22.60 0.16 -15.51
C VAL A 232 23.08 -0.82 -16.59
N LEU A 233 23.63 -0.27 -17.68
CA LEU A 233 24.17 -1.09 -18.76
C LEU A 233 25.30 -2.00 -18.28
N ILE A 234 26.19 -1.45 -17.46
CA ILE A 234 27.29 -2.23 -16.89
C ILE A 234 26.74 -3.38 -16.04
N ALA A 235 25.78 -3.08 -15.18
CA ALA A 235 25.13 -4.12 -14.37
C ALA A 235 24.43 -5.15 -15.25
N ALA A 236 23.65 -4.66 -16.23
CA ALA A 236 22.91 -5.58 -17.12
C ALA A 236 23.85 -6.53 -17.85
N VAL A 237 24.89 -5.98 -18.48
CA VAL A 237 25.85 -6.79 -19.24
C VAL A 237 26.57 -7.80 -18.33
N CYS A 238 27.00 -7.35 -17.17
CA CYS A 238 27.66 -8.23 -16.21
C CYS A 238 26.75 -9.36 -15.70
N TYR A 239 25.53 -9.00 -15.30
CA TYR A 239 24.52 -9.95 -14.83
C TYR A 239 24.29 -11.09 -15.82
N VAL A 240 24.01 -10.72 -17.07
CA VAL A 240 23.67 -11.67 -18.09
C VAL A 240 24.84 -12.58 -18.43
N LEU A 241 25.95 -11.98 -18.82
CA LEU A 241 27.12 -12.74 -19.22
C LEU A 241 27.61 -13.68 -18.13
N SER A 242 27.67 -13.20 -16.89
CA SER A 242 28.23 -14.01 -15.81
C SER A 242 27.29 -15.13 -15.31
N THR A 243 25.99 -14.87 -15.18
CA THR A 243 25.10 -15.94 -14.77
C THR A 243 24.98 -16.99 -15.87
N THR A 244 24.94 -16.56 -17.12
CA THR A 244 24.88 -17.48 -18.25
C THR A 244 26.14 -18.34 -18.29
N ALA A 245 27.30 -17.70 -18.18
CA ALA A 245 28.57 -18.41 -18.27
C ALA A 245 28.65 -19.50 -17.21
N ILE A 246 28.36 -19.15 -15.97
CA ILE A 246 28.43 -20.08 -14.86
C ILE A 246 27.45 -21.25 -15.01
N MET A 247 26.24 -20.98 -15.52
CA MET A 247 25.26 -22.06 -15.69
C MET A 247 25.71 -23.08 -16.74
N GLY A 248 26.71 -22.70 -17.53
CA GLY A 248 27.27 -23.57 -18.56
C GLY A 248 28.60 -24.22 -18.16
N MET A 249 29.15 -23.81 -17.03
CA MET A 249 30.43 -24.32 -16.55
C MET A 249 30.25 -25.26 -15.37
N ILE A 250 29.17 -25.03 -14.62
CA ILE A 250 28.91 -25.81 -13.41
C ILE A 250 27.56 -26.48 -13.49
N PRO A 251 27.51 -27.79 -13.21
CA PRO A 251 26.29 -28.59 -13.14
C PRO A 251 25.23 -27.98 -12.23
N ASN A 252 23.99 -27.97 -12.70
CA ASN A 252 22.88 -27.37 -11.96
C ASN A 252 22.77 -27.79 -10.50
N ALA A 253 22.95 -29.08 -10.23
CA ALA A 253 22.91 -29.63 -8.87
C ALA A 253 23.90 -28.94 -7.93
N ALA A 254 25.16 -28.84 -8.35
CA ALA A 254 26.19 -28.16 -7.56
C ALA A 254 25.90 -26.67 -7.44
N LEU A 255 25.43 -26.08 -8.52
CA LEU A 255 25.13 -24.65 -8.58
C LEU A 255 23.97 -24.26 -7.64
N ARG A 256 22.95 -25.13 -7.56
CA ARG A 256 21.81 -24.90 -6.67
C ARG A 256 22.23 -24.88 -5.21
N VAL A 257 23.30 -25.60 -4.89
CA VAL A 257 23.66 -25.85 -3.51
C VAL A 257 24.72 -24.87 -2.97
N SER A 258 25.43 -24.19 -3.86
CA SER A 258 26.55 -23.33 -3.46
C SER A 258 26.12 -22.01 -2.81
N ALA A 259 26.82 -21.63 -1.75
CA ALA A 259 26.56 -20.36 -1.07
C ALA A 259 27.42 -19.25 -1.69
N SER A 260 28.52 -19.65 -2.33
CA SER A 260 29.34 -18.71 -3.09
C SER A 260 29.85 -19.41 -4.35
N PRO A 261 29.06 -19.36 -5.43
CA PRO A 261 29.34 -20.12 -6.65
C PRO A 261 30.35 -19.50 -7.63
N PHE A 262 30.85 -18.32 -7.35
CA PHE A 262 31.92 -17.78 -8.15
C PHE A 262 33.13 -18.28 -7.36
N GLY A 263 33.05 -18.15 -6.04
CA GLY A 263 34.03 -18.60 -5.08
C GLY A 263 34.17 -20.10 -5.01
N ASP A 264 33.06 -20.82 -5.04
CA ASP A 264 33.13 -22.28 -5.03
C ASP A 264 33.69 -22.79 -6.36
N ALA A 265 33.25 -22.22 -7.47
CA ALA A 265 33.71 -22.58 -8.80
C ALA A 265 35.15 -22.14 -9.03
N ALA A 266 35.53 -21.00 -8.47
CA ALA A 266 36.88 -20.49 -8.66
C ALA A 266 37.89 -21.28 -7.83
N ARG A 267 37.58 -21.43 -6.54
CA ARG A 267 38.50 -22.07 -5.59
C ARG A 267 38.86 -23.48 -6.04
N MET A 268 37.95 -24.13 -6.74
CA MET A 268 38.16 -25.48 -7.22
C MET A 268 38.72 -25.51 -8.65
N ALA A 269 38.60 -24.42 -9.39
CA ALA A 269 39.15 -24.42 -10.75
C ALA A 269 40.60 -23.97 -10.86
N LEU A 270 40.92 -22.76 -10.44
CA LEU A 270 42.30 -22.27 -10.52
C LEU A 270 43.05 -22.30 -9.18
N GLY A 271 42.50 -23.04 -8.20
CA GLY A 271 43.17 -23.21 -6.93
C GLY A 271 42.65 -22.35 -5.78
N ASP A 272 43.31 -22.47 -4.62
CA ASP A 272 42.88 -21.80 -3.39
C ASP A 272 43.00 -20.28 -3.44
N THR A 273 43.99 -19.79 -4.18
CA THR A 273 44.21 -18.36 -4.29
C THR A 273 43.03 -17.75 -5.06
N ALA A 274 42.50 -18.52 -6.00
CA ALA A 274 41.35 -18.08 -6.81
C ALA A 274 40.14 -17.80 -5.92
N GLY A 275 39.91 -18.70 -4.95
CA GLY A 275 38.82 -18.53 -3.99
C GLY A 275 39.06 -17.35 -3.06
N ALA A 276 40.34 -17.08 -2.80
CA ALA A 276 40.76 -15.94 -2.00
C ALA A 276 40.51 -14.64 -2.75
N ILE A 277 40.85 -14.63 -4.03
CA ILE A 277 40.66 -13.45 -4.87
C ILE A 277 39.18 -13.11 -5.03
N VAL A 278 38.34 -14.13 -5.23
CA VAL A 278 36.92 -13.91 -5.41
C VAL A 278 36.29 -13.42 -4.11
N SER A 279 36.70 -14.00 -2.98
CA SER A 279 36.18 -13.59 -1.68
C SER A 279 36.51 -12.13 -1.36
N PHE A 280 37.74 -11.74 -1.62
CA PHE A 280 38.17 -10.38 -1.35
C PHE A 280 37.44 -9.38 -2.23
N CYS A 281 37.28 -9.74 -3.49
CA CYS A 281 36.63 -8.85 -4.45
C CYS A 281 35.15 -8.68 -4.15
N ALA A 282 34.50 -9.76 -3.70
CA ALA A 282 33.08 -9.71 -3.39
C ALA A 282 32.85 -8.89 -2.12
N ALA A 283 33.75 -9.01 -1.15
CA ALA A 283 33.67 -8.20 0.07
C ALA A 283 33.85 -6.70 -0.27
N ALA A 284 34.76 -6.41 -1.18
CA ALA A 284 35.00 -5.05 -1.61
C ALA A 284 33.74 -4.44 -2.22
N GLY A 285 33.10 -5.19 -3.11
CA GLY A 285 31.85 -4.79 -3.71
C GLY A 285 30.81 -4.42 -2.67
N CYS A 286 30.64 -5.27 -1.65
CA CYS A 286 29.63 -5.01 -0.62
C CYS A 286 29.95 -3.77 0.19
N LEU A 287 31.22 -3.63 0.58
CA LEU A 287 31.59 -2.58 1.51
C LEU A 287 31.58 -1.23 0.81
N GLY A 288 31.98 -1.22 -0.46
CA GLY A 288 31.95 0.01 -1.25
C GLY A 288 30.52 0.47 -1.36
N SER A 289 29.63 -0.48 -1.59
CA SER A 289 28.20 -0.22 -1.66
C SER A 289 27.65 0.40 -0.34
N LEU A 290 28.18 -0.03 0.81
CA LEU A 290 27.86 0.60 2.09
C LEU A 290 28.12 2.11 2.09
N GLY A 291 29.25 2.50 1.51
CA GLY A 291 29.58 3.90 1.43
C GLY A 291 28.63 4.66 0.54
N GLY A 292 28.37 4.15 -0.65
CA GLY A 292 27.46 4.83 -1.55
C GLY A 292 26.02 4.96 -1.03
N TRP A 293 25.48 3.90 -0.41
CA TRP A 293 24.11 3.94 0.08
C TRP A 293 23.98 4.88 1.28
N THR A 294 25.05 4.98 2.07
CA THR A 294 25.12 5.90 3.19
C THR A 294 25.14 7.34 2.69
N LEU A 295 25.93 7.59 1.63
CA LEU A 295 25.91 8.89 0.95
C LEU A 295 24.48 9.27 0.52
N LEU A 296 23.77 8.32 -0.09
CA LEU A 296 22.41 8.56 -0.59
C LEU A 296 21.45 8.89 0.56
N ALA A 297 21.59 8.20 1.68
CA ALA A 297 20.79 8.50 2.86
C ALA A 297 20.97 9.96 3.30
N GLY A 298 22.23 10.40 3.38
CA GLY A 298 22.53 11.76 3.78
C GLY A 298 21.97 12.79 2.81
N GLN A 299 22.08 12.51 1.52
CA GLN A 299 21.60 13.41 0.50
C GLN A 299 20.08 13.57 0.47
N THR A 300 19.32 12.47 0.59
CA THR A 300 17.88 12.58 0.48
C THR A 300 17.33 13.34 1.70
N ALA A 301 17.85 13.01 2.89
CA ALA A 301 17.42 13.65 4.13
C ALA A 301 17.77 15.12 4.12
N LYS A 302 18.96 15.45 3.63
CA LYS A 302 19.35 16.85 3.53
C LYS A 302 18.45 17.63 2.55
N ALA A 303 18.15 17.04 1.39
CA ALA A 303 17.30 17.71 0.41
C ALA A 303 15.89 17.97 0.97
N ALA A 304 15.35 17.01 1.72
CA ALA A 304 14.04 17.19 2.33
C ALA A 304 14.06 18.22 3.45
N ALA A 305 15.08 18.16 4.30
CA ALA A 305 15.21 19.11 5.40
C ALA A 305 15.41 20.55 4.88
N ASP A 306 16.13 20.70 3.76
CA ASP A 306 16.31 22.00 3.13
C ASP A 306 14.97 22.66 2.71
N ASP A 307 13.97 21.83 2.43
CA ASP A 307 12.64 22.34 2.08
C ASP A 307 11.69 22.38 3.29
N GLY A 308 12.22 22.13 4.47
CA GLY A 308 11.41 22.03 5.68
C GLY A 308 10.52 20.79 5.79
N LEU A 309 10.90 19.70 5.11
CA LEU A 309 10.08 18.49 5.08
C LEU A 309 10.78 17.29 5.77
N PHE A 310 11.69 17.58 6.69
CA PHE A 310 12.42 16.59 7.48
C PHE A 310 13.09 17.42 8.57
N PRO A 311 13.41 16.82 9.74
CA PRO A 311 13.99 17.62 10.83
C PRO A 311 15.24 18.43 10.38
N PRO A 312 15.35 19.68 10.86
CA PRO A 312 16.40 20.65 10.53
C PRO A 312 17.82 20.09 10.65
N ILE A 313 18.10 19.32 11.69
CA ILE A 313 19.44 18.76 11.91
C ILE A 313 19.98 18.02 10.69
N PHE A 314 19.08 17.53 9.83
CA PHE A 314 19.51 16.77 8.65
C PHE A 314 20.02 17.69 7.56
N ALA A 315 19.86 19.01 7.75
CA ALA A 315 20.34 20.00 6.79
C ALA A 315 21.57 20.77 7.28
N ARG A 316 22.01 20.48 8.51
CA ARG A 316 23.18 21.18 9.06
C ARG A 316 24.45 20.61 8.42
N VAL A 317 25.27 21.49 7.86
CA VAL A 317 26.41 21.07 7.06
C VAL A 317 27.71 21.69 7.54
N ASN A 318 28.83 21.05 7.23
CA ASN A 318 30.13 21.67 7.46
C ASN A 318 30.36 22.69 6.36
N LYS A 319 31.51 23.35 6.36
CA LYS A 319 31.84 24.31 5.32
C LYS A 319 31.79 23.72 3.91
N ALA A 320 31.99 22.41 3.80
CA ALA A 320 32.00 21.74 2.48
C ALA A 320 30.60 21.38 1.99
N GLY A 321 29.60 21.52 2.86
CA GLY A 321 28.23 21.23 2.49
C GLY A 321 27.81 19.79 2.78
N THR A 322 28.68 19.07 3.47
CA THR A 322 28.41 17.70 3.90
C THR A 322 27.48 17.68 5.13
N PRO A 323 26.38 16.91 5.06
CA PRO A 323 25.45 16.78 6.18
C PRO A 323 26.00 15.86 7.28
N VAL A 324 26.97 16.38 8.03
CA VAL A 324 27.71 15.58 9.00
C VAL A 324 26.80 15.01 10.08
N ALA A 325 26.01 15.87 10.72
CA ALA A 325 25.06 15.43 11.74
C ALA A 325 24.11 14.36 11.20
N GLY A 326 23.64 14.56 9.96
CA GLY A 326 22.78 13.60 9.29
C GLY A 326 23.43 12.23 9.11
N LEU A 327 24.71 12.23 8.72
CA LEU A 327 25.46 11.01 8.54
C LEU A 327 25.65 10.31 9.90
N ILE A 328 25.94 11.07 10.94
CA ILE A 328 26.11 10.49 12.27
C ILE A 328 24.81 9.86 12.79
N ILE A 329 23.68 10.50 12.54
CA ILE A 329 22.39 9.96 12.97
C ILE A 329 22.11 8.62 12.28
N VAL A 330 22.39 8.54 10.98
CA VAL A 330 22.26 7.29 10.24
C VAL A 330 23.25 6.24 10.77
N GLY A 331 24.42 6.67 11.19
CA GLY A 331 25.41 5.77 11.78
C GLY A 331 24.85 5.14 13.04
N ILE A 332 24.29 5.97 13.92
CA ILE A 332 23.69 5.51 15.15
C ILE A 332 22.52 4.55 14.91
N LEU A 333 21.64 4.90 13.97
CA LEU A 333 20.50 4.06 13.66
C LEU A 333 20.97 2.70 13.11
N MET A 334 21.96 2.72 12.23
CA MET A 334 22.49 1.51 11.65
C MET A 334 23.06 0.63 12.75
N THR A 335 23.74 1.25 13.71
CA THR A 335 24.36 0.55 14.82
C THR A 335 23.33 -0.18 15.67
N ILE A 336 22.23 0.49 15.97
CA ILE A 336 21.18 -0.09 16.78
C ILE A 336 20.61 -1.34 16.11
N PHE A 337 20.27 -1.24 14.83
CA PHE A 337 19.73 -2.38 14.10
C PHE A 337 20.77 -3.46 13.83
N GLN A 338 22.05 -3.10 13.77
CA GLN A 338 23.11 -4.08 13.50
C GLN A 338 23.19 -5.13 14.61
N LEU A 339 22.63 -4.82 15.76
CA LEU A 339 22.63 -5.76 16.88
C LEU A 339 21.89 -7.06 16.56
N SER A 340 21.16 -7.07 15.46
CA SER A 340 20.40 -8.24 15.04
C SER A 340 21.25 -9.41 14.58
N SER A 341 22.55 -9.20 14.38
CA SER A 341 23.40 -10.27 13.85
C SER A 341 24.06 -11.08 14.96
N ILE A 342 23.78 -10.70 16.21
CA ILE A 342 24.36 -11.41 17.35
C ILE A 342 23.83 -12.85 17.47
N SER A 343 22.69 -13.13 16.83
CA SER A 343 22.08 -14.45 16.95
C SER A 343 21.30 -14.81 15.69
N PRO A 344 21.23 -16.10 15.35
CA PRO A 344 20.39 -16.54 14.23
C PRO A 344 18.93 -16.06 14.37
N ASN A 345 18.35 -16.24 15.55
CA ASN A 345 17.00 -15.77 15.84
C ASN A 345 16.89 -14.25 15.74
N ALA A 346 17.88 -13.54 16.29
CA ALA A 346 17.96 -12.09 16.17
C ALA A 346 17.96 -11.63 14.71
N THR A 347 18.64 -12.42 13.86
CA THR A 347 18.77 -12.13 12.44
C THR A 347 17.49 -12.45 11.66
N LYS A 348 16.83 -13.54 12.04
CA LYS A 348 15.56 -13.91 11.42
C LYS A 348 14.49 -12.85 11.69
N GLU A 349 14.42 -12.40 12.94
CA GLU A 349 13.52 -11.31 13.32
C GLU A 349 13.69 -10.07 12.45
N PHE A 350 14.93 -9.58 12.35
CA PHE A 350 15.23 -8.38 11.57
C PHE A 350 14.90 -8.57 10.08
N GLY A 351 14.93 -9.82 9.62
CA GLY A 351 14.70 -10.16 8.23
C GLY A 351 13.46 -9.58 7.58
N LEU A 352 12.36 -9.54 8.30
CA LEU A 352 11.12 -9.01 7.72
C LEU A 352 11.30 -7.51 7.47
N VAL A 353 11.94 -6.84 8.41
CA VAL A 353 12.18 -5.41 8.28
C VAL A 353 12.95 -5.09 7.00
N SER A 354 14.05 -5.79 6.77
CA SER A 354 14.85 -5.62 5.56
C SER A 354 14.02 -5.86 4.33
N SER A 355 13.22 -6.91 4.40
CA SER A 355 12.35 -7.32 3.31
C SER A 355 11.33 -6.26 3.00
N VAL A 356 10.78 -5.66 4.03
CA VAL A 356 9.81 -4.57 3.86
C VAL A 356 10.51 -3.31 3.33
N SER A 357 11.65 -2.95 3.90
CA SER A 357 12.30 -1.68 3.51
C SER A 357 12.76 -1.70 2.05
N VAL A 358 13.04 -2.88 1.50
CA VAL A 358 13.35 -3.00 0.07
C VAL A 358 12.18 -2.60 -0.83
N ILE A 359 10.94 -2.89 -0.42
CA ILE A 359 9.78 -2.47 -1.23
C ILE A 359 9.57 -0.94 -1.24
N PHE A 360 10.00 -0.27 -0.15
CA PHE A 360 9.87 1.19 -0.01
C PHE A 360 10.37 1.95 -1.25
N THR A 361 11.52 1.52 -1.78
CA THR A 361 12.19 2.16 -2.91
C THR A 361 11.33 2.29 -4.15
N LEU A 362 10.39 1.36 -4.33
CA LEU A 362 9.60 1.34 -5.56
C LEU A 362 8.61 2.48 -5.61
N VAL A 363 8.31 3.09 -4.47
CA VAL A 363 7.37 4.20 -4.48
C VAL A 363 8.06 5.45 -5.09
N PRO A 364 9.31 5.78 -4.63
CA PRO A 364 10.11 6.77 -5.37
C PRO A 364 10.24 6.51 -6.88
N TYR A 365 10.48 5.26 -7.30
CA TYR A 365 10.53 4.94 -8.73
C TYR A 365 9.24 5.33 -9.42
N LEU A 366 8.13 5.00 -8.77
CA LEU A 366 6.80 5.22 -9.31
C LEU A 366 6.49 6.71 -9.45
N TYR A 367 6.90 7.49 -8.46
CA TYR A 367 6.68 8.93 -8.49
C TYR A 367 7.61 9.61 -9.48
N THR A 368 8.81 9.06 -9.67
CA THR A 368 9.72 9.61 -10.66
C THR A 368 9.13 9.47 -12.06
N CYS A 369 8.58 8.29 -12.34
CA CYS A 369 7.89 8.01 -13.60
C CYS A 369 6.73 8.96 -13.84
N ALA A 370 5.93 9.20 -12.81
CA ALA A 370 4.77 10.08 -12.93
C ALA A 370 5.24 11.51 -13.15
N ALA A 371 6.28 11.88 -12.41
CA ALA A 371 6.86 13.22 -12.47
C ALA A 371 7.36 13.58 -13.86
N LEU A 372 8.07 12.66 -14.51
CA LEU A 372 8.52 12.89 -15.89
C LEU A 372 7.36 13.28 -16.82
N LEU A 373 6.28 12.52 -16.78
CA LEU A 373 5.11 12.82 -17.60
C LEU A 373 4.44 14.10 -17.16
N LEU A 374 4.27 14.26 -15.85
CA LEU A 374 3.49 15.39 -15.31
C LEU A 374 4.22 16.70 -15.45
N LEU A 375 5.54 16.69 -15.20
CA LEU A 375 6.35 17.91 -15.26
C LEU A 375 6.93 18.19 -16.64
N GLY A 376 7.18 17.15 -17.43
CA GLY A 376 8.04 17.31 -18.59
C GLY A 376 7.40 17.17 -19.96
N HIS A 377 6.07 17.07 -20.01
CA HIS A 377 5.35 16.85 -21.28
C HIS A 377 5.70 17.88 -22.35
N GLY A 378 5.97 19.11 -21.92
CA GLY A 378 6.26 20.18 -22.85
C GLY A 378 7.67 20.12 -23.46
N HIS A 379 8.45 19.14 -23.04
CA HIS A 379 9.82 18.98 -23.55
C HIS A 379 9.93 17.77 -24.48
N PHE A 380 8.81 17.07 -24.69
CA PHE A 380 8.83 15.84 -25.48
C PHE A 380 8.85 16.12 -26.98
N GLY A 381 8.26 17.24 -27.39
CA GLY A 381 8.04 17.49 -28.80
C GLY A 381 7.03 16.48 -29.31
N LYS A 382 7.18 16.05 -30.56
CA LYS A 382 6.32 15.00 -31.07
C LYS A 382 7.08 13.67 -31.01
N ALA A 383 8.06 13.62 -30.12
CA ALA A 383 8.67 12.37 -29.69
C ALA A 383 7.90 11.84 -28.49
N ARG A 384 6.79 12.52 -28.19
CA ARG A 384 5.91 12.20 -27.07
C ARG A 384 5.50 10.72 -26.97
N PRO A 385 5.14 10.05 -28.10
CA PRO A 385 4.78 8.64 -27.97
C PRO A 385 5.91 7.76 -27.41
N ALA A 386 7.15 8.06 -27.79
CA ALA A 386 8.30 7.34 -27.27
C ALA A 386 8.39 7.49 -25.76
N TYR A 387 8.22 8.72 -25.27
CA TYR A 387 8.28 8.98 -23.83
C TYR A 387 7.18 8.24 -23.09
N LEU A 388 5.97 8.27 -23.64
CA LEU A 388 4.85 7.56 -23.02
C LEU A 388 5.10 6.05 -22.98
N ALA A 389 5.62 5.50 -24.07
CA ALA A 389 5.91 4.08 -24.14
C ALA A 389 6.99 3.64 -23.15
N VAL A 390 8.11 4.36 -23.14
CA VAL A 390 9.21 4.04 -22.22
C VAL A 390 8.78 4.17 -20.76
N THR A 391 8.08 5.26 -20.43
CA THR A 391 7.64 5.47 -19.06
C THR A 391 6.62 4.40 -18.63
N THR A 392 5.80 3.95 -19.59
CA THR A 392 4.80 2.91 -19.30
C THR A 392 5.50 1.60 -18.98
N ILE A 393 6.55 1.29 -19.75
CA ILE A 393 7.39 0.13 -19.47
C ILE A 393 8.02 0.23 -18.07
N ALA A 394 8.46 1.43 -17.69
CA ALA A 394 9.04 1.65 -16.35
C ALA A 394 7.99 1.49 -15.23
N PHE A 395 6.78 1.98 -15.47
CA PHE A 395 5.66 1.73 -14.57
C PHE A 395 5.44 0.21 -14.38
N LEU A 396 5.45 -0.54 -15.48
CA LEU A 396 5.20 -1.98 -15.42
C LEU A 396 6.30 -2.71 -14.63
N TYR A 397 7.55 -2.28 -14.80
CA TYR A 397 8.67 -2.83 -14.03
C TYR A 397 8.37 -2.78 -12.53
N CYS A 398 7.93 -1.61 -12.07
CA CYS A 398 7.68 -1.34 -10.65
C CYS A 398 6.51 -2.16 -10.09
N ILE A 399 5.41 -2.16 -10.84
CA ILE A 399 4.22 -2.88 -10.44
C ILE A 399 4.50 -4.38 -10.41
N TRP A 400 5.17 -4.86 -11.45
CA TRP A 400 5.49 -6.28 -11.57
C TRP A 400 6.39 -6.78 -10.42
N ALA A 401 7.41 -6.00 -10.08
CA ALA A 401 8.26 -6.27 -8.93
C ALA A 401 7.40 -6.51 -7.69
N VAL A 402 6.41 -5.65 -7.45
CA VAL A 402 5.57 -5.79 -6.28
C VAL A 402 4.61 -6.97 -6.38
N VAL A 403 4.00 -7.17 -7.56
CA VAL A 403 3.07 -8.28 -7.78
C VAL A 403 3.71 -9.62 -7.41
N GLY A 404 5.02 -9.73 -7.62
CA GLY A 404 5.75 -10.96 -7.34
C GLY A 404 6.36 -11.09 -5.95
N SER A 405 6.21 -10.07 -5.09
CA SER A 405 6.79 -10.08 -3.75
C SER A 405 5.93 -10.85 -2.75
N GLY A 406 6.50 -11.15 -1.59
CA GLY A 406 5.75 -11.84 -0.55
C GLY A 406 4.64 -10.94 -0.01
N ALA A 407 3.46 -11.51 0.21
CA ALA A 407 2.29 -10.72 0.59
C ALA A 407 2.52 -9.93 1.89
N LYS A 408 3.12 -10.58 2.89
CA LYS A 408 3.31 -9.99 4.20
C LYS A 408 4.21 -8.76 4.15
N GLU A 409 5.27 -8.83 3.34
CA GLU A 409 6.15 -7.67 3.18
C GLU A 409 5.42 -6.48 2.53
N VAL A 410 4.59 -6.75 1.53
CA VAL A 410 3.86 -5.66 0.90
C VAL A 410 2.80 -5.10 1.87
N MET A 411 2.19 -5.96 2.68
CA MET A 411 1.22 -5.50 3.69
C MET A 411 1.83 -4.46 4.64
N TRP A 412 3.03 -4.73 5.15
CA TRP A 412 3.66 -3.83 6.10
C TRP A 412 4.17 -2.58 5.40
N SER A 413 4.43 -2.68 4.10
CA SER A 413 4.72 -1.49 3.31
C SER A 413 3.48 -0.58 3.24
N PHE A 414 2.31 -1.17 3.02
CA PHE A 414 1.05 -0.42 2.99
C PHE A 414 0.78 0.23 4.36
N VAL A 415 1.05 -0.51 5.43
CA VAL A 415 0.86 0.01 6.76
C VAL A 415 1.79 1.21 6.96
N THR A 416 3.02 1.09 6.49
CA THR A 416 3.99 2.17 6.62
C THR A 416 3.51 3.45 5.93
N LEU A 417 2.97 3.34 4.72
CA LEU A 417 2.33 4.49 4.08
C LEU A 417 1.29 5.16 5.00
N MET A 418 0.49 4.34 5.70
CA MET A 418 -0.59 4.87 6.52
C MET A 418 -0.03 5.67 7.69
N VAL A 419 0.99 5.10 8.33
CA VAL A 419 1.64 5.72 9.47
C VAL A 419 2.28 7.06 9.04
N ILE A 420 2.86 7.07 7.85
CA ILE A 420 3.49 8.28 7.32
C ILE A 420 2.46 9.40 7.08
N THR A 421 1.29 9.03 6.54
CA THR A 421 0.22 10.01 6.34
C THR A 421 -0.21 10.62 7.66
N ALA A 422 -0.38 9.76 8.67
CA ALA A 422 -0.73 10.21 10.00
C ALA A 422 0.38 11.10 10.58
N MET A 423 1.64 10.73 10.36
CA MET A 423 2.76 11.54 10.86
C MET A 423 2.82 12.90 10.19
N TYR A 424 2.64 12.94 8.86
CA TYR A 424 2.63 14.22 8.16
C TYR A 424 1.56 15.15 8.73
N ALA A 425 0.34 14.63 8.89
CA ALA A 425 -0.78 15.42 9.36
C ALA A 425 -0.59 15.94 10.80
N LEU A 426 -0.05 15.11 11.68
CA LEU A 426 0.15 15.57 13.06
C LEU A 426 1.38 16.47 13.21
N ASN A 427 2.33 16.37 12.28
CA ASN A 427 3.52 17.20 12.41
C ASN A 427 3.45 18.50 11.63
N TYR A 428 2.70 18.53 10.54
CA TYR A 428 2.77 19.69 9.66
C TYR A 428 1.47 20.50 9.54
N ASN A 429 0.43 20.16 10.31
CA ASN A 429 -0.74 21.02 10.32
C ASN A 429 -0.33 22.35 10.95
N ARG A 430 -0.84 23.44 10.37
CA ARG A 430 -0.50 24.86 10.62
C ARG A 430 0.69 25.32 9.77
N LEU A 431 1.52 24.38 9.31
CA LEU A 431 2.63 24.71 8.43
C LEU A 431 2.25 24.43 6.99
N HIS A 432 1.57 23.30 6.79
CA HIS A 432 1.14 22.82 5.48
C HIS A 432 0.27 23.84 4.74
N LYS A 433 0.60 24.06 3.47
CA LYS A 433 -0.21 24.92 2.61
C LYS A 433 -1.18 24.05 1.81
N ASN A 434 -2.47 24.35 1.94
CA ASN A 434 -3.50 23.62 1.22
C ASN A 434 -3.78 24.18 -0.18
N PRO A 435 -3.78 23.30 -1.20
CA PRO A 435 -4.17 23.62 -2.58
C PRO A 435 -5.53 24.31 -2.67
N TYR A 436 -6.52 23.86 -1.88
CA TYR A 436 -7.81 24.53 -1.85
C TYR A 436 -8.30 24.74 -0.42
N PRO A 437 -7.77 25.77 0.26
CA PRO A 437 -8.08 25.94 1.68
C PRO A 437 -9.53 26.33 1.92
N LEU A 438 -10.01 26.08 3.14
CA LEU A 438 -11.30 26.62 3.55
C LEU A 438 -11.16 28.14 3.61
N ASP A 439 -12.27 28.84 3.72
CA ASP A 439 -12.20 30.27 3.93
C ASP A 439 -11.67 30.60 5.34
N ALA A 440 -11.33 31.87 5.55
CA ALA A 440 -10.83 32.33 6.84
C ALA A 440 -11.85 32.13 7.95
N PRO A 441 -11.45 31.45 9.05
CA PRO A 441 -12.24 31.17 10.26
C PRO A 441 -13.21 32.28 10.67
N ALA B 5 -31.97 23.62 -0.54
CA ALA B 5 -32.38 22.79 0.58
C ALA B 5 -33.89 22.74 0.60
N ASP B 6 -34.48 22.48 -0.55
CA ASP B 6 -35.92 22.47 -0.64
C ASP B 6 -36.56 21.23 -1.22
N ALA B 7 -36.57 21.16 -2.53
CA ALA B 7 -37.26 20.11 -3.25
C ALA B 7 -36.62 18.77 -3.43
N HIS B 8 -35.40 18.71 -3.90
CA HIS B 8 -34.81 17.40 -4.16
C HIS B 8 -33.84 16.96 -3.07
N LYS B 9 -33.84 17.70 -1.97
CA LYS B 9 -32.91 17.41 -0.88
C LYS B 9 -33.53 16.48 0.15
N VAL B 10 -32.67 15.72 0.83
CA VAL B 10 -33.10 14.71 1.77
C VAL B 10 -33.04 15.24 3.20
N GLY B 11 -34.06 14.91 4.00
CA GLY B 11 -34.15 15.40 5.36
C GLY B 11 -33.31 14.61 6.33
N LEU B 12 -33.25 15.09 7.57
CA LEU B 12 -32.38 14.51 8.60
C LEU B 12 -32.61 13.02 8.85
N ILE B 13 -33.87 12.63 9.01
CA ILE B 13 -34.21 11.24 9.35
C ILE B 13 -33.76 10.24 8.28
N PRO B 14 -34.15 10.43 7.00
CA PRO B 14 -33.68 9.45 6.01
C PRO B 14 -32.15 9.38 5.87
N VAL B 15 -31.46 10.50 6.08
CA VAL B 15 -30.01 10.50 5.98
C VAL B 15 -29.38 9.72 7.14
N THR B 16 -29.91 9.94 8.34
CA THR B 16 -29.43 9.24 9.53
C THR B 16 -29.64 7.73 9.36
N LEU B 17 -30.83 7.36 8.88
CA LEU B 17 -31.13 5.96 8.65
C LEU B 17 -30.30 5.39 7.49
N MET B 18 -29.86 6.25 6.57
CA MET B 18 -28.97 5.79 5.52
C MET B 18 -27.59 5.47 6.09
N VAL B 19 -27.13 6.31 7.01
CA VAL B 19 -25.83 6.06 7.65
C VAL B 19 -25.88 4.74 8.42
N SER B 20 -26.87 4.62 9.31
CA SER B 20 -26.96 3.43 10.16
C SER B 20 -27.24 2.18 9.33
N GLY B 21 -28.03 2.33 8.27
CA GLY B 21 -28.35 1.22 7.40
C GLY B 21 -27.19 0.76 6.53
N ASN B 22 -26.38 1.72 6.09
CA ASN B 22 -25.19 1.39 5.32
C ASN B 22 -24.15 0.71 6.21
N ILE B 23 -24.13 1.12 7.47
CA ILE B 23 -23.20 0.52 8.42
C ILE B 23 -23.61 -0.90 8.81
N MET B 24 -24.85 -1.06 9.27
CA MET B 24 -25.34 -2.34 9.76
C MET B 24 -25.60 -3.42 8.74
N GLY B 25 -26.27 -3.07 7.66
CA GLY B 25 -26.24 -3.83 6.45
C GLY B 25 -26.51 -5.30 6.59
N SER B 26 -25.69 -6.08 5.92
CA SER B 26 -25.64 -7.50 6.11
C SER B 26 -25.08 -7.96 7.43
N GLY B 27 -24.05 -7.24 7.88
CA GLY B 27 -23.22 -7.69 8.98
C GLY B 27 -23.87 -7.91 10.34
N VAL B 28 -24.83 -7.06 10.70
CA VAL B 28 -25.36 -7.05 12.06
C VAL B 28 -25.98 -8.40 12.45
N PHE B 29 -26.64 -9.06 11.52
CA PHE B 29 -27.26 -10.36 11.79
C PHE B 29 -26.26 -11.51 11.83
N LEU B 30 -25.05 -11.27 11.33
CA LEU B 30 -24.04 -12.32 11.25
C LEU B 30 -22.94 -12.17 12.31
N LEU B 31 -22.87 -11.00 12.93
CA LEU B 31 -21.85 -10.72 13.94
C LEU B 31 -21.74 -11.72 15.11
N PRO B 32 -22.88 -12.10 15.73
CA PRO B 32 -22.72 -13.04 16.86
C PRO B 32 -22.08 -14.37 16.47
N ALA B 33 -22.36 -14.85 15.26
CA ALA B 33 -21.78 -16.10 14.79
C ALA B 33 -20.28 -15.96 14.58
N ASN B 34 -19.87 -14.81 14.02
CA ASN B 34 -18.45 -14.54 13.79
C ASN B 34 -17.68 -14.35 15.10
N LEU B 35 -18.35 -13.78 16.10
CA LEU B 35 -17.70 -13.48 17.37
C LEU B 35 -17.74 -14.68 18.31
N ALA B 36 -18.60 -15.64 18.03
CA ALA B 36 -18.80 -16.80 18.89
C ALA B 36 -17.58 -17.69 18.94
N SER B 37 -16.74 -17.61 17.90
CA SER B 37 -15.50 -18.40 17.88
C SER B 37 -14.47 -17.81 18.82
N THR B 38 -14.70 -16.58 19.27
CA THR B 38 -13.84 -15.94 20.26
C THR B 38 -14.45 -16.05 21.65
N GLY B 39 -15.72 -15.63 21.78
CA GLY B 39 -16.42 -15.72 23.04
C GLY B 39 -16.89 -14.38 23.58
N GLY B 40 -17.36 -14.38 24.83
CA GLY B 40 -17.89 -13.18 25.44
C GLY B 40 -16.89 -12.07 25.63
N ILE B 41 -15.60 -12.44 25.68
CA ILE B 41 -14.51 -11.47 25.84
C ILE B 41 -14.51 -10.47 24.68
N ALA B 42 -15.25 -10.79 23.62
CA ALA B 42 -15.45 -9.89 22.49
C ALA B 42 -15.97 -8.53 22.94
N ILE B 43 -16.57 -8.46 24.12
CA ILE B 43 -17.08 -7.18 24.61
C ILE B 43 -15.95 -6.15 24.70
N TYR B 44 -14.76 -6.61 25.08
CA TYR B 44 -13.60 -5.72 25.15
C TYR B 44 -13.32 -5.14 23.78
N GLY B 45 -13.37 -6.00 22.77
CA GLY B 45 -13.13 -5.54 21.42
C GLY B 45 -14.15 -4.49 21.03
N TRP B 46 -15.40 -4.70 21.45
CA TRP B 46 -16.44 -3.74 21.12
C TRP B 46 -16.04 -2.40 21.71
N LEU B 47 -15.62 -2.44 22.97
CA LEU B 47 -15.25 -1.24 23.69
C LEU B 47 -14.15 -0.51 22.92
N VAL B 48 -13.16 -1.25 22.45
CA VAL B 48 -12.08 -0.65 21.67
C VAL B 48 -12.63 -0.09 20.37
N THR B 49 -13.45 -0.91 19.69
CA THR B 49 -13.96 -0.55 18.38
C THR B 49 -14.78 0.73 18.39
N ILE B 50 -15.71 0.81 19.33
CA ILE B 50 -16.66 1.91 19.36
C ILE B 50 -15.99 3.25 19.64
N ILE B 51 -15.01 3.24 20.54
CA ILE B 51 -14.24 4.44 20.85
C ILE B 51 -13.55 4.88 19.57
N GLY B 52 -13.04 3.93 18.80
CA GLY B 52 -12.41 4.28 17.55
C GLY B 52 -13.45 4.80 16.58
N ALA B 53 -14.58 4.09 16.50
CA ALA B 53 -15.59 4.41 15.50
C ALA B 53 -16.15 5.80 15.75
N LEU B 54 -16.49 6.05 17.01
CA LEU B 54 -17.00 7.36 17.41
C LEU B 54 -16.00 8.43 17.03
N GLY B 55 -14.72 8.14 17.28
CA GLY B 55 -13.67 9.07 16.95
C GLY B 55 -13.76 9.42 15.48
N LEU B 56 -13.80 8.39 14.66
CA LEU B 56 -13.86 8.58 13.21
C LEU B 56 -15.09 9.39 12.85
N SER B 57 -16.21 9.10 13.50
CA SER B 57 -17.45 9.76 13.13
C SER B 57 -17.32 11.23 13.47
N MET B 58 -16.70 11.52 14.61
CA MET B 58 -16.54 12.90 15.02
C MET B 58 -15.69 13.61 14.01
N VAL B 59 -14.66 12.92 13.52
CA VAL B 59 -13.77 13.51 12.53
C VAL B 59 -14.59 13.89 11.32
N TYR B 60 -15.46 13.00 10.88
CA TYR B 60 -16.27 13.29 9.72
C TYR B 60 -17.23 14.43 10.05
N ALA B 61 -17.80 14.37 11.25
CA ALA B 61 -18.82 15.33 11.65
C ALA B 61 -18.27 16.76 11.60
N LYS B 62 -17.06 16.93 12.12
CA LYS B 62 -16.43 18.23 12.11
C LYS B 62 -16.05 18.64 10.68
N MET B 63 -15.52 17.68 9.92
CA MET B 63 -14.97 18.02 8.61
C MET B 63 -16.09 18.49 7.71
N SER B 64 -17.19 17.74 7.72
CA SER B 64 -18.35 18.07 6.93
C SER B 64 -18.99 19.36 7.43
N PHE B 65 -18.81 19.67 8.72
CA PHE B 65 -19.28 20.93 9.23
C PHE B 65 -18.50 22.07 8.58
N LEU B 66 -17.19 21.87 8.47
CA LEU B 66 -16.32 22.92 7.92
C LEU B 66 -16.48 23.02 6.41
N ASP B 67 -16.80 21.89 5.79
CA ASP B 67 -16.87 21.83 4.33
C ASP B 67 -17.87 20.77 3.86
N PRO B 68 -19.16 21.14 3.80
CA PRO B 68 -20.18 20.20 3.33
C PRO B 68 -20.16 20.06 1.81
N SER B 69 -19.01 19.70 1.26
CA SER B 69 -18.87 19.52 -0.18
C SER B 69 -19.39 18.16 -0.62
N PRO B 70 -20.00 18.11 -1.82
CA PRO B 70 -20.41 16.82 -2.37
C PRO B 70 -19.21 15.89 -2.56
N GLY B 71 -19.39 14.61 -2.24
CA GLY B 71 -18.32 13.64 -2.40
C GLY B 71 -17.51 13.37 -1.15
N GLY B 72 -17.71 14.18 -0.12
CA GLY B 72 -17.06 13.97 1.16
C GLY B 72 -15.55 13.81 1.13
N SER B 73 -15.09 12.61 1.50
CA SER B 73 -13.65 12.28 1.59
C SER B 73 -12.87 12.79 0.39
N TYR B 74 -13.38 12.48 -0.80
CA TYR B 74 -12.74 12.89 -2.05
C TYR B 74 -12.43 14.37 -1.99
N ALA B 75 -13.46 15.17 -1.74
CA ALA B 75 -13.33 16.61 -1.78
C ALA B 75 -12.30 17.03 -0.74
N TYR B 76 -12.38 16.42 0.45
CA TYR B 76 -11.50 16.82 1.52
C TYR B 76 -10.07 16.54 1.09
N ALA B 77 -9.87 15.36 0.49
CA ALA B 77 -8.54 14.96 0.10
C ALA B 77 -8.04 15.97 -0.92
N ARG B 78 -8.91 16.28 -1.87
CA ARG B 78 -8.57 17.19 -2.94
C ARG B 78 -8.17 18.53 -2.35
N ARG B 79 -8.86 18.95 -1.30
CA ARG B 79 -8.57 20.23 -0.69
C ARG B 79 -7.17 20.26 -0.09
N CYS B 80 -6.79 19.20 0.63
CA CYS B 80 -5.57 19.30 1.43
C CYS B 80 -4.34 18.77 0.71
N PHE B 81 -4.53 17.86 -0.24
CA PHE B 81 -3.41 17.22 -0.92
C PHE B 81 -3.36 17.49 -2.42
N GLY B 82 -4.46 17.94 -2.99
CA GLY B 82 -4.49 18.26 -4.40
C GLY B 82 -5.14 17.19 -5.26
N PRO B 83 -5.16 17.43 -6.58
CA PRO B 83 -5.88 16.62 -7.58
C PRO B 83 -5.47 15.14 -7.64
N PHE B 84 -4.20 14.81 -7.44
CA PHE B 84 -3.76 13.42 -7.54
C PHE B 84 -4.42 12.54 -6.48
N LEU B 85 -4.35 12.96 -5.22
CA LEU B 85 -4.91 12.15 -4.14
C LEU B 85 -6.43 12.22 -4.10
N GLY B 86 -7.00 13.28 -4.67
CA GLY B 86 -8.45 13.36 -4.85
C GLY B 86 -8.90 12.30 -5.83
N TYR B 87 -8.23 12.28 -6.97
CA TYR B 87 -8.42 11.24 -7.99
C TYR B 87 -8.31 9.84 -7.40
N GLN B 88 -7.26 9.61 -6.61
CA GLN B 88 -7.02 8.31 -6.00
C GLN B 88 -8.15 7.94 -5.05
N THR B 89 -8.52 8.90 -4.20
CA THR B 89 -9.57 8.72 -3.22
C THR B 89 -10.88 8.31 -3.90
N ASN B 90 -11.26 9.04 -4.94
CA ASN B 90 -12.48 8.70 -5.65
C ASN B 90 -12.43 7.33 -6.30
N VAL B 91 -11.34 7.02 -7.00
CA VAL B 91 -11.25 5.70 -7.63
C VAL B 91 -11.45 4.59 -6.59
N LEU B 92 -10.70 4.67 -5.50
CA LEU B 92 -10.78 3.67 -4.44
C LEU B 92 -12.20 3.57 -3.85
N TYR B 93 -12.78 4.71 -3.49
CA TYR B 93 -14.07 4.70 -2.82
C TYR B 93 -15.22 4.25 -3.74
N TRP B 94 -15.21 4.75 -4.97
CA TRP B 94 -16.17 4.35 -5.99
C TRP B 94 -16.16 2.83 -6.20
N LEU B 95 -14.96 2.31 -6.40
CA LEU B 95 -14.78 0.87 -6.55
C LEU B 95 -15.32 0.12 -5.33
N ALA B 96 -14.95 0.57 -4.13
CA ALA B 96 -15.42 -0.10 -2.91
C ALA B 96 -16.94 -0.11 -2.86
N CYS B 97 -17.54 1.02 -3.21
CA CYS B 97 -18.99 1.18 -3.18
C CYS B 97 -19.69 0.16 -4.06
N TRP B 98 -19.36 0.11 -5.35
CA TRP B 98 -20.17 -0.78 -6.19
C TRP B 98 -19.72 -2.24 -6.14
N ILE B 99 -18.43 -2.49 -5.87
CA ILE B 99 -17.97 -3.86 -5.72
C ILE B 99 -18.57 -4.50 -4.46
N GLY B 100 -18.70 -3.72 -3.39
CA GLY B 100 -19.29 -4.23 -2.16
C GLY B 100 -20.74 -4.66 -2.26
N ASN B 101 -21.44 -4.21 -3.30
CA ASN B 101 -22.87 -4.50 -3.48
C ASN B 101 -23.16 -5.94 -3.87
N ILE B 102 -22.18 -6.61 -4.47
CA ILE B 102 -22.35 -7.99 -4.92
C ILE B 102 -22.61 -8.93 -3.74
N ALA B 103 -21.71 -8.89 -2.77
CA ALA B 103 -21.84 -9.72 -1.58
C ALA B 103 -23.13 -9.38 -0.84
N MET B 104 -23.48 -8.09 -0.84
CA MET B 104 -24.64 -7.63 -0.10
C MET B 104 -25.94 -8.14 -0.71
N VAL B 105 -26.05 -8.11 -2.04
CA VAL B 105 -27.25 -8.59 -2.70
C VAL B 105 -27.33 -10.11 -2.60
N VAL B 106 -26.17 -10.77 -2.65
CA VAL B 106 -26.15 -12.23 -2.49
C VAL B 106 -26.66 -12.63 -1.12
N ILE B 107 -26.15 -11.98 -0.07
CA ILE B 107 -26.61 -12.23 1.30
C ILE B 107 -28.10 -11.92 1.44
N GLY B 108 -28.51 -10.77 0.91
CA GLY B 108 -29.89 -10.33 1.01
C GLY B 108 -30.90 -11.28 0.39
N VAL B 109 -30.66 -11.69 -0.85
CA VAL B 109 -31.54 -12.66 -1.50
C VAL B 109 -31.45 -14.01 -0.78
N GLY B 110 -30.25 -14.30 -0.27
CA GLY B 110 -30.02 -15.48 0.54
C GLY B 110 -31.00 -15.56 1.70
N TYR B 111 -31.18 -14.45 2.40
CA TYR B 111 -32.19 -14.39 3.47
C TYR B 111 -33.59 -14.70 2.93
N LEU B 112 -33.87 -14.24 1.71
CA LEU B 112 -35.18 -14.45 1.10
C LEU B 112 -35.36 -15.89 0.67
N SER B 113 -34.29 -16.68 0.69
CA SER B 113 -34.38 -18.09 0.34
C SER B 113 -35.10 -18.88 1.44
N TYR B 114 -35.32 -18.25 2.59
CA TYR B 114 -36.13 -18.83 3.66
C TYR B 114 -37.56 -19.08 3.18
N PHE B 115 -38.05 -18.19 2.31
CA PHE B 115 -39.39 -18.32 1.78
C PHE B 115 -39.37 -19.10 0.47
N PHE B 116 -38.40 -18.76 -0.39
CA PHE B 116 -38.27 -19.40 -1.70
C PHE B 116 -36.91 -20.08 -1.83
N PRO B 117 -36.84 -21.38 -1.53
CA PRO B 117 -35.58 -22.14 -1.51
C PRO B 117 -34.89 -22.26 -2.86
N ILE B 118 -35.63 -22.03 -3.95
CA ILE B 118 -35.07 -22.03 -5.29
C ILE B 118 -33.96 -20.99 -5.44
N LEU B 119 -33.99 -19.97 -4.57
CA LEU B 119 -32.99 -18.92 -4.60
C LEU B 119 -31.62 -19.41 -4.13
N LYS B 120 -31.53 -20.70 -3.78
CA LYS B 120 -30.25 -21.26 -3.40
C LYS B 120 -29.59 -21.96 -4.60
N ASP B 121 -30.39 -22.25 -5.62
CA ASP B 121 -29.85 -22.63 -6.93
C ASP B 121 -29.10 -21.44 -7.49
N PRO B 122 -27.79 -21.59 -7.70
CA PRO B 122 -26.89 -20.49 -8.12
C PRO B 122 -27.35 -19.73 -9.37
N LEU B 123 -28.02 -20.40 -10.29
CA LEU B 123 -28.48 -19.75 -11.52
C LEU B 123 -29.61 -18.78 -11.23
N VAL B 124 -30.64 -19.27 -10.55
CA VAL B 124 -31.79 -18.47 -10.17
C VAL B 124 -31.33 -17.35 -9.25
N LEU B 125 -30.39 -17.68 -8.38
CA LEU B 125 -29.79 -16.71 -7.46
C LEU B 125 -29.14 -15.57 -8.25
N THR B 126 -28.38 -15.91 -9.28
CA THR B 126 -27.68 -14.91 -10.08
C THR B 126 -28.67 -14.01 -10.83
N ILE B 127 -29.66 -14.62 -11.47
CA ILE B 127 -30.68 -13.86 -12.20
C ILE B 127 -31.41 -12.90 -11.27
N THR B 128 -31.84 -13.42 -10.13
CA THR B 128 -32.54 -12.63 -9.12
C THR B 128 -31.69 -11.46 -8.63
N CYS B 129 -30.42 -11.74 -8.39
CA CYS B 129 -29.49 -10.72 -7.92
C CYS B 129 -29.32 -9.59 -8.93
N VAL B 130 -29.11 -9.96 -10.20
CA VAL B 130 -29.01 -8.94 -11.25
C VAL B 130 -30.27 -8.08 -11.30
N VAL B 131 -31.42 -8.74 -11.24
CA VAL B 131 -32.70 -8.03 -11.27
C VAL B 131 -32.84 -7.04 -10.12
N VAL B 132 -32.50 -7.48 -8.91
CA VAL B 132 -32.60 -6.62 -7.73
C VAL B 132 -31.64 -5.43 -7.80
N LEU B 133 -30.42 -5.70 -8.27
CA LEU B 133 -29.43 -4.65 -8.45
C LEU B 133 -29.97 -3.58 -9.38
N TRP B 134 -30.58 -4.01 -10.48
CA TRP B 134 -31.14 -3.06 -11.42
C TRP B 134 -32.35 -2.33 -10.84
N ILE B 135 -33.10 -3.01 -9.98
CA ILE B 135 -34.19 -2.36 -9.26
C ILE B 135 -33.69 -1.18 -8.45
N PHE B 136 -32.59 -1.37 -7.72
CA PHE B 136 -32.11 -0.28 -6.88
C PHE B 136 -31.33 0.78 -7.67
N VAL B 137 -30.76 0.39 -8.81
CA VAL B 137 -30.21 1.38 -9.73
C VAL B 137 -31.33 2.29 -10.25
N LEU B 138 -32.46 1.67 -10.62
CA LEU B 138 -33.58 2.42 -11.16
C LEU B 138 -34.22 3.32 -10.09
N LEU B 139 -34.33 2.80 -8.86
CA LEU B 139 -34.82 3.62 -7.76
C LEU B 139 -33.89 4.81 -7.55
N ASN B 140 -32.59 4.60 -7.72
CA ASN B 140 -31.64 5.71 -7.63
C ASN B 140 -31.82 6.71 -8.75
N ILE B 141 -32.22 6.22 -9.93
CA ILE B 141 -32.46 7.10 -11.07
C ILE B 141 -33.73 7.94 -10.87
N VAL B 142 -34.72 7.37 -10.18
CA VAL B 142 -35.91 8.13 -9.80
C VAL B 142 -35.53 9.31 -8.92
N GLY B 143 -34.50 9.14 -8.10
CA GLY B 143 -33.96 10.25 -7.31
C GLY B 143 -33.61 9.90 -5.89
N PRO B 144 -32.78 10.74 -5.25
CA PRO B 144 -32.28 10.48 -3.89
C PRO B 144 -33.36 10.47 -2.81
N LYS B 145 -34.42 11.27 -2.96
CA LYS B 145 -35.52 11.23 -2.00
C LYS B 145 -36.19 9.86 -2.01
N MET B 146 -36.42 9.34 -3.21
CA MET B 146 -36.99 8.01 -3.38
C MET B 146 -36.12 6.93 -2.74
N ILE B 147 -34.82 6.93 -3.06
CA ILE B 147 -33.93 5.87 -2.62
C ILE B 147 -33.72 5.93 -1.10
N THR B 148 -33.64 7.13 -0.55
CA THR B 148 -33.42 7.28 0.89
C THR B 148 -34.71 7.00 1.66
N ARG B 149 -35.86 7.19 1.02
CA ARG B 149 -37.13 6.83 1.65
C ARG B 149 -37.27 5.31 1.73
N VAL B 150 -36.99 4.66 0.59
CA VAL B 150 -36.96 3.20 0.54
C VAL B 150 -35.99 2.62 1.57
N GLN B 151 -34.77 3.15 1.63
CA GLN B 151 -33.80 2.66 2.60
C GLN B 151 -34.22 2.98 4.02
N ALA B 152 -34.90 4.09 4.23
CA ALA B 152 -35.35 4.44 5.58
C ALA B 152 -36.31 3.37 6.09
N VAL B 153 -37.27 3.03 5.24
CA VAL B 153 -38.24 1.99 5.60
C VAL B 153 -37.53 0.65 5.84
N ALA B 154 -36.67 0.28 4.90
CA ALA B 154 -35.91 -0.96 4.99
C ALA B 154 -35.09 -1.05 6.28
N THR B 155 -34.50 0.07 6.67
CA THR B 155 -33.65 0.14 7.86
C THR B 155 -34.47 0.00 9.13
N VAL B 156 -35.65 0.61 9.17
CA VAL B 156 -36.52 0.44 10.34
C VAL B 156 -36.93 -1.03 10.47
N LEU B 157 -37.31 -1.61 9.33
CA LEU B 157 -37.66 -3.03 9.30
C LEU B 157 -36.51 -3.89 9.81
N ALA B 158 -35.30 -3.60 9.35
CA ALA B 158 -34.12 -4.36 9.77
C ALA B 158 -33.84 -4.16 11.25
N LEU B 159 -34.26 -3.01 11.77
CA LEU B 159 -34.05 -2.72 13.19
C LEU B 159 -35.06 -3.45 14.06
N ILE B 160 -36.15 -3.94 13.47
CA ILE B 160 -37.15 -4.63 14.28
C ILE B 160 -36.60 -5.84 15.08
N PRO B 161 -35.92 -6.80 14.43
CA PRO B 161 -35.46 -7.91 15.26
C PRO B 161 -34.25 -7.55 16.12
N ILE B 162 -33.41 -6.65 15.62
CA ILE B 162 -32.20 -6.23 16.31
C ILE B 162 -32.56 -5.57 17.63
N VAL B 163 -33.40 -4.54 17.56
CA VAL B 163 -33.86 -3.84 18.75
C VAL B 163 -34.73 -4.76 19.61
N GLY B 164 -35.50 -5.63 18.95
CA GLY B 164 -36.33 -6.60 19.65
C GLY B 164 -35.54 -7.46 20.61
N ILE B 165 -34.48 -8.10 20.12
CA ILE B 165 -33.58 -8.87 20.96
C ILE B 165 -32.84 -7.98 21.95
N ALA B 166 -32.35 -6.84 21.44
CA ALA B 166 -31.52 -5.93 22.23
C ALA B 166 -32.26 -5.31 23.41
N VAL B 167 -33.58 -5.47 23.44
CA VAL B 167 -34.38 -4.97 24.55
C VAL B 167 -35.03 -6.10 25.35
N PHE B 168 -35.61 -7.07 24.65
CA PHE B 168 -36.48 -8.06 25.30
C PHE B 168 -35.84 -9.44 25.43
N GLY B 169 -34.67 -9.62 24.84
CA GLY B 169 -33.94 -10.86 24.95
C GLY B 169 -33.34 -11.04 26.33
N TRP B 170 -33.21 -9.94 27.06
CA TRP B 170 -32.54 -9.94 28.36
C TRP B 170 -33.32 -10.72 29.41
N PHE B 171 -34.59 -11.00 29.12
CA PHE B 171 -35.42 -11.82 30.00
C PHE B 171 -35.02 -13.29 29.87
N TRP B 172 -34.39 -13.63 28.75
CA TRP B 172 -33.89 -14.98 28.50
C TRP B 172 -32.37 -15.04 28.64
N PHE B 173 -31.77 -13.88 28.87
CA PHE B 173 -30.31 -13.77 29.01
C PHE B 173 -29.87 -14.43 30.31
N ARG B 174 -28.89 -15.33 30.21
CA ARG B 174 -28.28 -15.92 31.41
C ARG B 174 -26.79 -15.63 31.44
N GLY B 175 -26.33 -15.05 32.55
CA GLY B 175 -24.93 -14.72 32.71
C GLY B 175 -24.03 -15.94 32.71
N GLU B 176 -24.57 -17.06 33.21
CA GLU B 176 -23.82 -18.31 33.25
C GLU B 176 -23.54 -18.79 31.83
N THR B 177 -24.49 -18.57 30.92
CA THR B 177 -24.33 -18.96 29.53
C THR B 177 -23.26 -18.11 28.85
N TYR B 178 -23.29 -16.81 29.13
CA TYR B 178 -22.34 -15.87 28.55
C TYR B 178 -20.92 -16.19 29.03
N MET B 179 -20.79 -16.42 30.33
CA MET B 179 -19.47 -16.61 30.94
C MET B 179 -18.94 -18.02 30.72
N ALA B 180 -19.83 -18.96 30.40
CA ALA B 180 -19.40 -20.31 30.08
C ALA B 180 -18.50 -20.28 28.83
N ALA B 181 -18.69 -19.26 28.01
CA ALA B 181 -17.91 -19.09 26.79
C ALA B 181 -17.19 -17.74 26.75
N TRP B 182 -16.66 -17.30 27.89
CA TRP B 182 -15.94 -16.03 27.96
C TRP B 182 -14.80 -15.96 26.94
N ASN B 183 -13.99 -17.02 26.88
CA ASN B 183 -12.88 -17.08 25.94
C ASN B 183 -12.65 -18.51 25.46
N VAL B 184 -13.20 -18.81 24.30
CA VAL B 184 -13.08 -20.13 23.69
C VAL B 184 -12.15 -20.08 22.48
N SER B 185 -11.37 -19.01 22.38
CA SER B 185 -10.47 -18.79 21.25
C SER B 185 -9.21 -19.64 21.33
N GLY B 186 -8.84 -20.05 22.54
CA GLY B 186 -7.59 -20.76 22.74
C GLY B 186 -6.42 -19.82 22.92
N LEU B 187 -6.69 -18.52 22.80
CA LEU B 187 -5.65 -17.49 22.88
C LEU B 187 -5.64 -16.80 24.23
N GLY B 188 -4.55 -16.08 24.52
CA GLY B 188 -4.50 -15.21 25.68
C GLY B 188 -5.43 -14.03 25.49
N THR B 189 -5.44 -13.12 26.46
CA THR B 189 -6.39 -12.02 26.44
C THR B 189 -6.21 -11.10 25.23
N PHE B 190 -4.98 -10.63 25.00
CA PHE B 190 -4.73 -9.74 23.86
C PHE B 190 -5.06 -10.42 22.54
N GLY B 191 -4.68 -11.69 22.40
CA GLY B 191 -4.97 -12.43 21.20
C GLY B 191 -6.45 -12.52 20.93
N ALA B 192 -7.23 -12.80 21.98
CA ALA B 192 -8.67 -12.90 21.86
C ALA B 192 -9.28 -11.56 21.45
N ILE B 193 -8.82 -10.50 22.10
CA ILE B 193 -9.28 -9.15 21.77
C ILE B 193 -8.96 -8.82 20.30
N GLN B 194 -7.76 -9.17 19.87
CA GLN B 194 -7.35 -8.94 18.48
C GLN B 194 -8.22 -9.71 17.48
N SER B 195 -8.53 -10.97 17.80
CA SER B 195 -9.37 -11.78 16.93
C SER B 195 -10.78 -11.20 16.88
N THR B 196 -11.17 -10.54 17.97
CA THR B 196 -12.42 -9.79 17.98
C THR B 196 -12.34 -8.57 17.04
N LEU B 197 -11.26 -7.81 17.16
CA LEU B 197 -11.07 -6.60 16.36
C LEU B 197 -11.04 -6.89 14.87
N ASN B 198 -10.48 -8.03 14.50
CA ASN B 198 -10.44 -8.47 13.10
C ASN B 198 -11.83 -8.58 12.48
N VAL B 199 -12.85 -8.64 13.33
CA VAL B 199 -14.23 -8.67 12.88
C VAL B 199 -14.90 -7.31 13.08
N THR B 200 -14.81 -6.80 14.31
CA THR B 200 -15.58 -5.62 14.71
C THR B 200 -15.09 -4.29 14.11
N LEU B 201 -13.79 -4.19 13.84
CA LEU B 201 -13.27 -2.92 13.30
C LEU B 201 -13.89 -2.62 11.94
N TRP B 202 -14.27 -3.67 11.22
CA TRP B 202 -14.87 -3.54 9.90
C TRP B 202 -16.37 -3.34 9.95
N SER B 203 -16.92 -3.31 11.16
CA SER B 203 -18.37 -3.22 11.34
C SER B 203 -18.93 -1.82 11.13
N PHE B 204 -18.04 -0.83 11.03
CA PHE B 204 -18.48 0.55 10.94
C PHE B 204 -18.15 1.22 9.61
N ILE B 205 -17.84 0.43 8.59
CA ILE B 205 -17.76 0.95 7.22
C ILE B 205 -19.12 1.53 6.83
N GLY B 206 -19.14 2.80 6.41
CA GLY B 206 -20.38 3.46 6.09
C GLY B 206 -20.56 4.73 6.91
N VAL B 207 -19.67 4.90 7.89
CA VAL B 207 -19.62 6.11 8.71
C VAL B 207 -19.57 7.37 7.85
N GLU B 208 -18.96 7.26 6.68
CA GLU B 208 -18.76 8.39 5.76
C GLU B 208 -19.98 8.71 4.88
N SER B 209 -21.06 7.95 5.05
CA SER B 209 -22.19 8.00 4.12
C SER B 209 -22.80 9.38 3.91
N ALA B 210 -23.12 10.07 4.99
CA ALA B 210 -23.77 11.38 4.89
C ALA B 210 -22.81 12.41 4.31
N SER B 211 -21.54 12.30 4.68
CA SER B 211 -20.50 13.19 4.18
C SER B 211 -20.39 13.12 2.66
N VAL B 212 -20.39 11.90 2.12
CA VAL B 212 -20.28 11.70 0.68
C VAL B 212 -21.54 12.18 -0.04
N ALA B 213 -22.70 11.95 0.58
CA ALA B 213 -23.98 12.35 0.02
C ALA B 213 -24.37 13.80 0.35
N ALA B 214 -23.41 14.60 0.80
CA ALA B 214 -23.70 15.96 1.28
C ALA B 214 -24.40 16.83 0.24
N GLY B 215 -24.15 16.56 -1.04
CA GLY B 215 -24.75 17.33 -2.12
C GLY B 215 -26.24 17.16 -2.33
N VAL B 216 -26.83 16.14 -1.73
CA VAL B 216 -28.26 15.92 -1.86
C VAL B 216 -28.97 16.01 -0.51
N VAL B 217 -28.22 16.42 0.51
CA VAL B 217 -28.77 16.56 1.85
C VAL B 217 -29.23 17.99 2.10
N LYS B 218 -30.43 18.12 2.66
CA LYS B 218 -30.97 19.41 3.06
C LYS B 218 -30.18 19.99 4.24
N ASN B 219 -29.82 21.27 4.13
CA ASN B 219 -29.04 21.97 5.15
C ASN B 219 -27.85 21.13 5.66
N PRO B 220 -26.93 20.77 4.75
CA PRO B 220 -25.90 19.76 5.04
C PRO B 220 -24.94 20.15 6.17
N LYS B 221 -24.63 21.43 6.32
CA LYS B 221 -23.75 21.88 7.39
C LYS B 221 -24.31 21.54 8.78
N ARG B 222 -25.64 21.50 8.88
CA ARG B 222 -26.28 21.12 10.13
C ARG B 222 -26.56 19.61 10.18
N ASN B 223 -27.08 19.07 9.09
CA ASN B 223 -27.65 17.73 9.11
C ASN B 223 -26.67 16.59 8.86
N VAL B 224 -25.62 16.83 8.06
CA VAL B 224 -24.63 15.79 7.82
C VAL B 224 -23.87 15.38 9.11
N PRO B 225 -23.39 16.35 9.92
CA PRO B 225 -22.74 15.92 11.16
C PRO B 225 -23.66 15.12 12.10
N ILE B 226 -24.88 15.63 12.25
CA ILE B 226 -25.88 14.98 13.11
C ILE B 226 -26.16 13.57 12.64
N ALA B 227 -26.38 13.40 11.33
CA ALA B 227 -26.63 12.10 10.76
C ALA B 227 -25.44 11.15 10.93
N THR B 228 -24.23 11.69 10.80
CA THR B 228 -23.02 10.89 10.94
C THR B 228 -22.91 10.30 12.34
N ILE B 229 -22.95 11.18 13.33
CA ILE B 229 -22.76 10.74 14.71
C ILE B 229 -23.95 9.90 15.18
N GLY B 230 -25.16 10.30 14.80
CA GLY B 230 -26.35 9.57 15.16
C GLY B 230 -26.40 8.17 14.59
N GLY B 231 -26.07 8.05 13.31
CA GLY B 231 -26.04 6.75 12.66
C GLY B 231 -25.01 5.83 13.30
N VAL B 232 -23.84 6.40 13.62
CA VAL B 232 -22.81 5.58 14.24
C VAL B 232 -23.24 5.12 15.64
N LEU B 233 -23.86 6.01 16.40
CA LEU B 233 -24.35 5.66 17.74
C LEU B 233 -25.42 4.57 17.70
N ILE B 234 -26.35 4.69 16.76
CA ILE B 234 -27.40 3.69 16.58
C ILE B 234 -26.77 2.32 16.29
N ALA B 235 -25.84 2.31 15.34
CA ALA B 235 -25.13 1.08 14.99
C ALA B 235 -24.39 0.48 16.19
N ALA B 236 -23.68 1.30 16.94
CA ALA B 236 -22.89 0.82 18.07
C ALA B 236 -23.76 0.18 19.14
N VAL B 237 -24.82 0.90 19.53
CA VAL B 237 -25.73 0.40 20.54
C VAL B 237 -26.37 -0.93 20.11
N CYS B 238 -26.83 -0.97 18.86
CA CYS B 238 -27.44 -2.20 18.34
C CYS B 238 -26.45 -3.36 18.33
N TYR B 239 -25.24 -3.10 17.84
CA TYR B 239 -24.17 -4.10 17.79
C TYR B 239 -23.95 -4.74 19.16
N VAL B 240 -23.64 -3.89 20.13
CA VAL B 240 -23.30 -4.37 21.46
C VAL B 240 -24.45 -5.12 22.10
N LEU B 241 -25.60 -4.46 22.19
CA LEU B 241 -26.74 -5.05 22.87
C LEU B 241 -27.16 -6.38 22.25
N SER B 242 -27.24 -6.42 20.93
CA SER B 242 -27.71 -7.64 20.27
C SER B 242 -26.70 -8.79 20.40
N THR B 243 -25.42 -8.52 20.16
CA THR B 243 -24.44 -9.60 20.24
C THR B 243 -24.30 -10.13 21.66
N THR B 244 -24.30 -9.23 22.63
CA THR B 244 -24.21 -9.63 24.03
C THR B 244 -25.43 -10.47 24.43
N ALA B 245 -26.61 -9.97 24.08
CA ALA B 245 -27.85 -10.67 24.43
C ALA B 245 -27.85 -12.07 23.85
N ILE B 246 -27.59 -12.20 22.56
CA ILE B 246 -27.59 -13.50 21.92
C ILE B 246 -26.52 -14.41 22.53
N MET B 247 -25.38 -13.85 22.90
CA MET B 247 -24.34 -14.65 23.53
C MET B 247 -24.77 -15.12 24.92
N GLY B 248 -25.77 -14.46 25.49
CA GLY B 248 -26.30 -14.90 26.77
C GLY B 248 -27.57 -15.73 26.67
N MET B 249 -28.12 -15.85 25.47
CA MET B 249 -29.35 -16.61 25.25
C MET B 249 -29.09 -17.97 24.62
N ILE B 250 -28.04 -18.06 23.82
CA ILE B 250 -27.74 -19.28 23.07
C ILE B 250 -26.35 -19.81 23.40
N PRO B 251 -26.26 -21.11 23.74
CA PRO B 251 -24.99 -21.80 24.02
C PRO B 251 -23.98 -21.59 22.90
N ASN B 252 -22.72 -21.41 23.27
CA ASN B 252 -21.66 -21.07 22.32
C ASN B 252 -21.53 -22.00 21.12
N ALA B 253 -21.62 -23.30 21.34
CA ALA B 253 -21.48 -24.28 20.25
C ALA B 253 -22.53 -24.07 19.15
N ALA B 254 -23.78 -23.94 19.57
CA ALA B 254 -24.89 -23.73 18.64
C ALA B 254 -24.72 -22.40 17.92
N LEU B 255 -24.22 -21.40 18.64
CA LEU B 255 -23.99 -20.09 18.07
C LEU B 255 -22.92 -20.17 16.98
N ARG B 256 -21.86 -20.93 17.26
CA ARG B 256 -20.77 -21.14 16.31
C ARG B 256 -21.23 -21.85 15.05
N VAL B 257 -22.13 -22.82 15.21
CA VAL B 257 -22.54 -23.65 14.09
C VAL B 257 -23.54 -22.94 13.19
N SER B 258 -24.37 -22.07 13.77
CA SER B 258 -25.45 -21.42 13.04
C SER B 258 -24.95 -20.41 12.00
N ALA B 259 -25.57 -20.43 10.82
CA ALA B 259 -25.24 -19.49 9.75
C ALA B 259 -26.15 -18.26 9.81
N SER B 260 -27.28 -18.41 10.50
CA SER B 260 -28.17 -17.28 10.79
C SER B 260 -28.71 -17.43 12.21
N PRO B 261 -27.98 -16.87 13.19
CA PRO B 261 -28.26 -17.06 14.62
C PRO B 261 -29.38 -16.21 15.20
N PHE B 262 -29.96 -15.33 14.42
CA PHE B 262 -31.08 -14.58 14.89
C PHE B 262 -32.24 -15.41 14.39
N GLY B 263 -32.14 -15.82 13.13
CA GLY B 263 -33.13 -16.64 12.45
C GLY B 263 -33.32 -18.08 12.88
N ASP B 264 -32.23 -18.81 13.09
CA ASP B 264 -32.30 -20.19 13.54
C ASP B 264 -32.80 -20.18 14.96
N ALA B 265 -32.24 -19.30 15.76
CA ALA B 265 -32.64 -19.13 17.15
C ALA B 265 -34.05 -18.57 17.27
N ALA B 266 -34.43 -17.71 16.33
CA ALA B 266 -35.79 -17.17 16.32
C ALA B 266 -36.78 -18.26 15.96
N ARG B 267 -36.48 -18.98 14.87
CA ARG B 267 -37.37 -20.02 14.38
C ARG B 267 -37.59 -21.08 15.46
N MET B 268 -36.55 -21.45 16.18
CA MET B 268 -36.68 -22.43 17.23
C MET B 268 -37.45 -21.90 18.44
N ALA B 269 -37.15 -20.66 18.84
CA ALA B 269 -37.78 -20.03 20.01
C ALA B 269 -39.24 -19.59 19.98
N LEU B 270 -39.64 -18.86 18.96
CA LEU B 270 -41.02 -18.38 18.91
C LEU B 270 -41.81 -18.97 17.80
N GLY B 271 -41.22 -19.91 17.13
CA GLY B 271 -41.88 -20.58 16.01
C GLY B 271 -41.39 -20.13 14.64
N ASP B 272 -42.00 -20.70 13.60
CA ASP B 272 -41.59 -20.46 12.23
C ASP B 272 -41.90 -19.04 11.76
N THR B 273 -42.92 -18.44 12.36
CA THR B 273 -43.31 -17.08 11.99
C THR B 273 -42.21 -16.11 12.43
N ALA B 274 -41.57 -16.43 13.56
CA ALA B 274 -40.43 -15.65 14.04
C ALA B 274 -39.28 -15.69 13.05
N GLY B 275 -38.99 -16.90 12.54
CA GLY B 275 -37.94 -17.07 11.56
C GLY B 275 -38.25 -16.35 10.27
N ALA B 276 -39.52 -16.34 9.89
CA ALA B 276 -39.97 -15.64 8.70
C ALA B 276 -39.78 -14.13 8.85
N ILE B 277 -40.13 -13.62 10.03
CA ILE B 277 -40.01 -12.20 10.31
C ILE B 277 -38.55 -11.76 10.33
N VAL B 278 -37.70 -12.53 10.99
CA VAL B 278 -36.28 -12.20 11.08
C VAL B 278 -35.64 -12.26 9.69
N SER B 279 -35.98 -13.30 8.93
CA SER B 279 -35.47 -13.43 7.56
C SER B 279 -35.87 -12.24 6.70
N PHE B 280 -37.15 -11.88 6.76
CA PHE B 280 -37.66 -10.76 5.96
C PHE B 280 -36.97 -9.46 6.33
N CYS B 281 -36.79 -9.23 7.62
CA CYS B 281 -36.20 -7.98 8.10
C CYS B 281 -34.73 -7.89 7.72
N ALA B 282 -34.03 -9.01 7.80
CA ALA B 282 -32.62 -9.06 7.43
C ALA B 282 -32.45 -8.77 5.94
N ALA B 283 -33.31 -9.40 5.14
CA ALA B 283 -33.29 -9.17 3.71
C ALA B 283 -33.57 -7.70 3.41
N ALA B 284 -34.48 -7.10 4.17
CA ALA B 284 -34.82 -5.69 4.00
C ALA B 284 -33.60 -4.81 4.26
N GLY B 285 -32.89 -5.08 5.36
CA GLY B 285 -31.67 -4.35 5.66
C GLY B 285 -30.66 -4.40 4.53
N CYS B 286 -30.38 -5.61 4.05
CA CYS B 286 -29.39 -5.77 2.97
C CYS B 286 -29.79 -5.02 1.69
N LEU B 287 -31.05 -5.19 1.29
CA LEU B 287 -31.50 -4.63 0.03
C LEU B 287 -31.56 -3.11 0.08
N GLY B 288 -31.99 -2.55 1.21
CA GLY B 288 -31.99 -1.10 1.37
C GLY B 288 -30.56 -0.55 1.30
N SER B 289 -29.66 -1.31 1.92
CA SER B 289 -28.25 -0.94 1.92
C SER B 289 -27.68 -0.87 0.49
N LEU B 290 -28.17 -1.76 -0.38
CA LEU B 290 -27.80 -1.69 -1.79
C LEU B 290 -28.08 -0.30 -2.38
N GLY B 291 -29.28 0.21 -2.10
CA GLY B 291 -29.69 1.51 -2.59
C GLY B 291 -28.78 2.60 -2.07
N GLY B 292 -28.51 2.57 -0.77
CA GLY B 292 -27.61 3.56 -0.19
C GLY B 292 -26.22 3.59 -0.82
N TRP B 293 -25.61 2.43 -0.96
CA TRP B 293 -24.25 2.36 -1.47
C TRP B 293 -24.17 2.73 -2.96
N THR B 294 -25.21 2.39 -3.72
CA THR B 294 -25.27 2.80 -5.11
C THR B 294 -25.36 4.33 -5.22
N LEU B 295 -26.19 4.92 -4.36
CA LEU B 295 -26.26 6.37 -4.26
C LEU B 295 -24.88 6.97 -4.03
N LEU B 296 -24.15 6.40 -3.06
CA LEU B 296 -22.82 6.92 -2.73
C LEU B 296 -21.85 6.81 -3.92
N ALA B 297 -21.93 5.71 -4.66
CA ALA B 297 -21.08 5.53 -5.84
C ALA B 297 -21.34 6.65 -6.85
N GLY B 298 -22.62 6.90 -7.11
CA GLY B 298 -23.01 7.94 -8.04
C GLY B 298 -22.50 9.30 -7.60
N GLN B 299 -22.61 9.58 -6.30
CA GLN B 299 -22.21 10.88 -5.78
C GLN B 299 -20.71 11.13 -5.87
N THR B 300 -19.91 10.14 -5.46
CA THR B 300 -18.45 10.33 -5.47
C THR B 300 -17.95 10.47 -6.91
N ALA B 301 -18.49 9.64 -7.81
CA ALA B 301 -18.09 9.71 -9.21
C ALA B 301 -18.47 11.08 -9.78
N LYS B 302 -19.65 11.55 -9.42
CA LYS B 302 -20.13 12.84 -9.89
C LYS B 302 -19.24 14.00 -9.44
N ALA B 303 -18.88 14.03 -8.16
CA ALA B 303 -18.02 15.13 -7.67
C ALA B 303 -16.66 15.12 -8.36
N ALA B 304 -16.09 13.93 -8.50
CA ALA B 304 -14.76 13.82 -9.09
C ALA B 304 -14.80 14.24 -10.56
N ALA B 305 -15.84 13.83 -11.27
CA ALA B 305 -15.99 14.21 -12.67
C ALA B 305 -16.24 15.72 -12.79
N ASP B 306 -17.00 16.29 -11.85
CA ASP B 306 -17.23 17.73 -11.79
C ASP B 306 -15.92 18.51 -11.63
N ASP B 307 -14.91 17.88 -11.06
CA ASP B 307 -13.61 18.58 -10.96
C ASP B 307 -12.65 18.18 -12.07
N GLY B 308 -13.14 17.42 -13.06
CA GLY B 308 -12.29 16.94 -14.13
C GLY B 308 -11.32 15.84 -13.70
N LEU B 309 -11.67 15.13 -12.64
CA LEU B 309 -10.79 14.08 -12.11
C LEU B 309 -11.42 12.69 -12.21
N PHE B 310 -12.34 12.55 -13.16
CA PHE B 310 -13.00 11.28 -13.45
C PHE B 310 -13.70 11.51 -14.78
N PRO B 311 -13.93 10.44 -15.57
CA PRO B 311 -14.55 10.64 -16.88
C PRO B 311 -15.83 11.47 -16.83
N PRO B 312 -15.96 12.44 -17.76
CA PRO B 312 -17.04 13.44 -17.80
C PRO B 312 -18.45 12.84 -17.78
N ILE B 313 -18.63 11.65 -18.34
CA ILE B 313 -19.96 11.02 -18.39
C ILE B 313 -20.53 10.79 -16.99
N PHE B 314 -19.64 10.69 -15.99
CA PHE B 314 -20.08 10.49 -14.61
C PHE B 314 -20.66 11.76 -13.99
N ALA B 315 -20.54 12.87 -14.71
CA ALA B 315 -21.06 14.16 -14.26
C ALA B 315 -22.29 14.59 -15.06
N ARG B 316 -22.63 13.82 -16.09
CA ARG B 316 -23.82 14.09 -16.88
C ARG B 316 -25.07 13.79 -16.07
N VAL B 317 -25.93 14.80 -15.90
CA VAL B 317 -27.10 14.69 -15.03
C VAL B 317 -28.40 15.04 -15.74
N ASN B 318 -29.53 14.58 -15.18
CA ASN B 318 -30.83 15.03 -15.67
C ASN B 318 -31.20 16.36 -15.01
N LYS B 319 -32.39 16.87 -15.29
CA LYS B 319 -32.83 18.16 -14.77
C LYS B 319 -32.80 18.22 -13.23
N ALA B 320 -32.89 17.07 -12.59
CA ALA B 320 -32.89 17.01 -11.13
C ALA B 320 -31.46 17.01 -10.56
N GLY B 321 -30.47 16.84 -11.42
CA GLY B 321 -29.09 16.78 -10.98
C GLY B 321 -28.62 15.36 -10.69
N THR B 322 -29.46 14.39 -11.02
CA THR B 322 -29.14 12.98 -10.79
C THR B 322 -28.18 12.45 -11.86
N PRO B 323 -27.06 11.84 -11.42
CA PRO B 323 -26.09 11.28 -12.37
C PRO B 323 -26.58 9.97 -12.98
N VAL B 324 -27.54 10.07 -13.92
CA VAL B 324 -28.22 8.90 -14.46
C VAL B 324 -27.28 7.95 -15.21
N ALA B 325 -26.47 8.51 -16.10
CA ALA B 325 -25.53 7.71 -16.89
C ALA B 325 -24.51 6.98 -16.00
N GLY B 326 -24.00 7.67 -14.99
CA GLY B 326 -23.06 7.07 -14.05
C GLY B 326 -23.67 5.92 -13.27
N LEU B 327 -24.94 6.08 -12.90
CA LEU B 327 -25.66 5.05 -12.17
C LEU B 327 -25.88 3.84 -13.07
N ILE B 328 -26.17 4.09 -14.33
CA ILE B 328 -26.34 3.00 -15.30
C ILE B 328 -25.01 2.25 -15.51
N ILE B 329 -23.91 3.01 -15.54
CA ILE B 329 -22.58 2.42 -15.69
C ILE B 329 -22.26 1.50 -14.51
N VAL B 330 -22.50 2.01 -13.31
CA VAL B 330 -22.33 1.21 -12.09
C VAL B 330 -23.22 -0.04 -12.14
N GLY B 331 -24.44 0.12 -12.65
CA GLY B 331 -25.34 -1.01 -12.85
C GLY B 331 -24.75 -2.08 -13.74
N ILE B 332 -24.17 -1.66 -14.87
CA ILE B 332 -23.54 -2.57 -15.81
C ILE B 332 -22.35 -3.30 -15.19
N LEU B 333 -21.48 -2.55 -14.52
CA LEU B 333 -20.31 -3.15 -13.87
C LEU B 333 -20.71 -4.17 -12.80
N MET B 334 -21.69 -3.80 -11.98
CA MET B 334 -22.19 -4.68 -10.93
C MET B 334 -22.81 -5.93 -11.54
N THR B 335 -23.49 -5.75 -12.68
CA THR B 335 -24.09 -6.88 -13.38
C THR B 335 -23.01 -7.83 -13.88
N ILE B 336 -21.93 -7.27 -14.42
CA ILE B 336 -20.82 -8.08 -14.91
C ILE B 336 -20.16 -8.88 -13.79
N PHE B 337 -19.89 -8.23 -12.66
CA PHE B 337 -19.26 -8.95 -11.56
C PHE B 337 -20.22 -9.89 -10.82
N GLN B 338 -21.52 -9.64 -10.95
CA GLN B 338 -22.54 -10.46 -10.30
C GLN B 338 -22.57 -11.89 -10.85
N LEU B 339 -22.04 -12.07 -12.05
CA LEU B 339 -22.01 -13.38 -12.71
C LEU B 339 -21.20 -14.41 -11.92
N SER B 340 -20.45 -13.93 -10.93
CA SER B 340 -19.63 -14.80 -10.09
C SER B 340 -20.46 -15.73 -9.18
N SER B 341 -21.76 -15.47 -9.06
CA SER B 341 -22.59 -16.25 -8.15
C SER B 341 -23.22 -17.47 -8.81
N ILE B 342 -22.86 -17.75 -10.06
CA ILE B 342 -23.40 -18.88 -10.79
C ILE B 342 -22.88 -20.24 -10.30
N SER B 343 -21.79 -20.21 -9.54
CA SER B 343 -21.17 -21.44 -9.05
C SER B 343 -20.33 -21.15 -7.81
N PRO B 344 -20.17 -22.14 -6.92
CA PRO B 344 -19.31 -22.02 -5.74
C PRO B 344 -17.90 -21.55 -6.09
N ASN B 345 -17.30 -22.17 -7.11
CA ASN B 345 -15.95 -21.82 -7.55
C ASN B 345 -15.88 -20.39 -8.08
N ALA B 346 -16.86 -20.01 -8.89
CA ALA B 346 -16.95 -18.66 -9.41
C ALA B 346 -17.10 -17.66 -8.28
N THR B 347 -17.83 -18.06 -7.25
CA THR B 347 -18.09 -17.20 -6.10
C THR B 347 -16.81 -16.96 -5.31
N LYS B 348 -16.05 -18.03 -5.06
CA LYS B 348 -14.80 -17.89 -4.32
C LYS B 348 -13.71 -17.18 -5.14
N GLU B 349 -13.73 -17.35 -6.45
CA GLU B 349 -12.81 -16.60 -7.32
C GLU B 349 -12.97 -15.10 -7.08
N PHE B 350 -14.21 -14.63 -7.02
CA PHE B 350 -14.51 -13.23 -6.80
C PHE B 350 -14.22 -12.72 -5.38
N GLY B 351 -14.15 -13.64 -4.42
CA GLY B 351 -14.03 -13.27 -3.01
C GLY B 351 -12.86 -12.39 -2.59
N LEU B 352 -11.70 -12.59 -3.23
CA LEU B 352 -10.52 -11.84 -2.84
C LEU B 352 -10.62 -10.41 -3.36
N VAL B 353 -11.30 -10.25 -4.49
CA VAL B 353 -11.63 -8.93 -5.02
C VAL B 353 -12.47 -8.14 -4.01
N SER B 354 -13.49 -8.78 -3.47
CA SER B 354 -14.36 -8.15 -2.49
C SER B 354 -13.57 -7.77 -1.25
N SER B 355 -12.73 -8.69 -0.80
CA SER B 355 -11.96 -8.50 0.42
C SER B 355 -10.98 -7.33 0.28
N VAL B 356 -10.39 -7.21 -0.91
CA VAL B 356 -9.49 -6.09 -1.22
C VAL B 356 -10.25 -4.75 -1.29
N SER B 357 -11.38 -4.77 -1.99
CA SER B 357 -12.15 -3.56 -2.19
C SER B 357 -12.68 -3.03 -0.86
N VAL B 358 -12.87 -3.91 0.11
CA VAL B 358 -13.25 -3.46 1.45
C VAL B 358 -12.11 -2.64 2.08
N ILE B 359 -10.87 -3.06 1.84
CA ILE B 359 -9.72 -2.32 2.36
C ILE B 359 -9.59 -0.97 1.67
N PHE B 360 -10.04 -0.88 0.41
CA PHE B 360 -10.00 0.40 -0.31
C PHE B 360 -10.53 1.58 0.51
N THR B 361 -11.63 1.36 1.23
CA THR B 361 -12.33 2.41 1.98
C THR B 361 -11.48 3.12 3.03
N LEU B 362 -10.48 2.44 3.58
CA LEU B 362 -9.70 2.99 4.69
C LEU B 362 -8.82 4.17 4.28
N VAL B 363 -8.49 4.27 2.99
CA VAL B 363 -7.66 5.37 2.52
C VAL B 363 -8.43 6.71 2.54
N PRO B 364 -9.69 6.74 2.02
CA PRO B 364 -10.53 7.91 2.25
C PRO B 364 -10.63 8.35 3.72
N TYR B 365 -10.78 7.38 4.64
CA TYR B 365 -10.84 7.68 6.08
C TYR B 365 -9.58 8.41 6.54
N LEU B 366 -8.44 7.84 6.17
CA LEU B 366 -7.12 8.38 6.52
C LEU B 366 -6.96 9.80 6.03
N TYR B 367 -7.34 10.03 4.78
CA TYR B 367 -7.22 11.34 4.17
C TYR B 367 -8.21 12.33 4.80
N THR B 368 -9.34 11.83 5.28
CA THR B 368 -10.30 12.70 5.95
C THR B 368 -9.76 13.17 7.30
N CYS B 369 -9.16 12.26 8.06
CA CYS B 369 -8.50 12.64 9.31
C CYS B 369 -7.42 13.70 9.07
N ALA B 370 -6.57 13.41 8.09
CA ALA B 370 -5.47 14.31 7.74
C ALA B 370 -6.02 15.66 7.29
N ALA B 371 -7.09 15.63 6.50
CA ALA B 371 -7.73 16.84 6.00
C ALA B 371 -8.28 17.68 7.13
N LEU B 372 -8.89 17.03 8.13
CA LEU B 372 -9.38 17.77 9.29
C LEU B 372 -8.24 18.54 9.94
N LEU B 373 -7.12 17.86 10.21
CA LEU B 373 -6.02 18.58 10.86
C LEU B 373 -5.39 19.67 9.97
N LEU B 374 -5.16 19.36 8.70
CA LEU B 374 -4.44 20.26 7.80
C LEU B 374 -5.28 21.47 7.36
N LEU B 375 -6.58 21.26 7.18
CA LEU B 375 -7.47 22.29 6.69
C LEU B 375 -8.12 23.10 7.81
N GLY B 376 -8.37 22.45 8.95
CA GLY B 376 -9.22 23.05 9.95
C GLY B 376 -8.54 23.49 11.23
N HIS B 377 -7.21 23.53 11.24
CA HIS B 377 -6.46 23.88 12.45
C HIS B 377 -6.84 25.26 12.98
N GLY B 378 -7.19 26.17 12.09
CA GLY B 378 -7.55 27.53 12.47
C GLY B 378 -8.95 27.65 13.06
N HIS B 379 -9.68 26.53 13.08
CA HIS B 379 -11.02 26.50 13.65
C HIS B 379 -11.06 25.78 14.99
N PHE B 380 -9.89 25.33 15.46
CA PHE B 380 -9.83 24.51 16.66
C PHE B 380 -9.88 25.32 17.94
N GLY B 381 -9.34 26.52 17.90
CA GLY B 381 -9.29 27.34 19.11
C GLY B 381 -8.36 26.75 20.14
N LYS B 382 -8.79 26.82 21.40
CA LYS B 382 -8.00 26.23 22.48
C LYS B 382 -8.51 24.83 22.84
N ALA B 383 -9.37 24.30 21.97
CA ALA B 383 -9.79 22.90 22.04
C ALA B 383 -8.89 22.04 21.15
N ARG B 384 -7.81 22.63 20.65
CA ARG B 384 -6.86 21.93 19.80
C ARG B 384 -6.35 20.58 20.36
N PRO B 385 -6.00 20.52 21.67
CA PRO B 385 -5.53 19.21 22.15
C PRO B 385 -6.56 18.09 22.00
N ALA B 386 -7.84 18.41 22.14
CA ALA B 386 -8.88 17.41 22.00
C ALA B 386 -8.97 16.90 20.56
N TYR B 387 -8.95 17.82 19.61
CA TYR B 387 -9.03 17.47 18.20
C TYR B 387 -7.91 16.50 17.83
N LEU B 388 -6.69 16.90 18.20
CA LEU B 388 -5.51 16.10 17.94
C LEU B 388 -5.69 14.74 18.57
N ALA B 389 -6.28 14.70 19.76
CA ALA B 389 -6.48 13.44 20.46
C ALA B 389 -7.51 12.58 19.75
N VAL B 390 -8.60 13.19 19.30
CA VAL B 390 -9.65 12.41 18.66
C VAL B 390 -9.19 11.90 17.31
N THR B 391 -8.58 12.78 16.54
CA THR B 391 -8.14 12.45 15.19
C THR B 391 -7.09 11.36 15.25
N THR B 392 -6.22 11.43 16.26
CA THR B 392 -5.19 10.43 16.42
C THR B 392 -5.84 9.08 16.66
N ILE B 393 -6.86 9.07 17.50
CA ILE B 393 -7.59 7.84 17.76
C ILE B 393 -8.16 7.31 16.45
N ALA B 394 -8.70 8.22 15.64
CA ALA B 394 -9.29 7.81 14.37
C ALA B 394 -8.20 7.23 13.48
N PHE B 395 -7.04 7.87 13.47
CA PHE B 395 -5.90 7.35 12.72
C PHE B 395 -5.63 5.92 13.14
N LEU B 396 -5.57 5.71 14.46
CA LEU B 396 -5.21 4.41 14.97
C LEU B 396 -6.25 3.40 14.52
N TYR B 397 -7.52 3.83 14.56
CA TYR B 397 -8.63 2.98 14.16
C TYR B 397 -8.37 2.41 12.78
N CYS B 398 -7.99 3.27 11.85
CA CYS B 398 -7.78 2.83 10.48
C CYS B 398 -6.59 1.89 10.42
N ILE B 399 -5.48 2.31 11.02
CA ILE B 399 -4.23 1.57 10.90
C ILE B 399 -4.39 0.16 11.46
N TRP B 400 -5.03 0.08 12.63
CA TRP B 400 -5.22 -1.19 13.29
C TRP B 400 -6.04 -2.13 12.40
N ALA B 401 -7.04 -1.56 11.72
CA ALA B 401 -7.89 -2.34 10.83
C ALA B 401 -7.03 -3.05 9.79
N VAL B 402 -6.06 -2.33 9.24
CA VAL B 402 -5.17 -2.93 8.25
C VAL B 402 -4.19 -3.91 8.91
N VAL B 403 -3.71 -3.55 10.10
CA VAL B 403 -2.74 -4.39 10.81
C VAL B 403 -3.28 -5.82 11.02
N GLY B 404 -4.58 -5.94 11.22
CA GLY B 404 -5.19 -7.22 11.49
C GLY B 404 -5.76 -7.94 10.27
N SER B 405 -5.61 -7.35 9.09
CA SER B 405 -6.16 -7.95 7.87
C SER B 405 -5.25 -9.01 7.27
N GLY B 406 -5.80 -9.80 6.36
CA GLY B 406 -5.03 -10.80 5.64
C GLY B 406 -3.99 -10.12 4.76
N ALA B 407 -2.78 -10.67 4.75
CA ALA B 407 -1.65 -10.07 4.04
C ALA B 407 -1.90 -9.92 2.53
N LYS B 408 -2.51 -10.93 1.92
CA LYS B 408 -2.72 -10.94 0.48
C LYS B 408 -3.65 -9.81 0.01
N GLU B 409 -4.69 -9.56 0.80
CA GLU B 409 -5.68 -8.53 0.48
C GLU B 409 -5.03 -7.15 0.48
N VAL B 410 -4.20 -6.91 1.49
CA VAL B 410 -3.49 -5.65 1.63
C VAL B 410 -2.46 -5.50 0.52
N MET B 411 -1.77 -6.60 0.18
CA MET B 411 -0.82 -6.59 -0.93
C MET B 411 -1.50 -6.09 -2.19
N TRP B 412 -2.67 -6.64 -2.50
CA TRP B 412 -3.34 -6.24 -3.74
C TRP B 412 -3.92 -4.83 -3.64
N SER B 413 -4.21 -4.36 -2.42
CA SER B 413 -4.56 -2.96 -2.25
C SER B 413 -3.39 -2.04 -2.61
N PHE B 414 -2.19 -2.44 -2.18
CA PHE B 414 -0.98 -1.68 -2.49
C PHE B 414 -0.76 -1.63 -4.01
N VAL B 415 -0.89 -2.79 -4.64
CA VAL B 415 -0.75 -2.88 -6.09
C VAL B 415 -1.76 -1.95 -6.77
N THR B 416 -2.98 -1.92 -6.23
CA THR B 416 -4.01 -1.03 -6.75
C THR B 416 -3.57 0.43 -6.65
N LEU B 417 -3.00 0.83 -5.52
CA LEU B 417 -2.45 2.19 -5.40
C LEU B 417 -1.46 2.49 -6.51
N MET B 418 -0.57 1.54 -6.78
CA MET B 418 0.45 1.76 -7.80
C MET B 418 -0.17 1.95 -9.19
N VAL B 419 -1.14 1.10 -9.51
CA VAL B 419 -1.84 1.17 -10.79
C VAL B 419 -2.54 2.51 -10.93
N ILE B 420 -3.16 2.98 -9.84
CA ILE B 420 -3.84 4.27 -9.86
C ILE B 420 -2.86 5.42 -10.13
N THR B 421 -1.67 5.33 -9.54
CA THR B 421 -0.64 6.33 -9.79
C THR B 421 -0.25 6.38 -11.27
N ALA B 422 -0.02 5.19 -11.83
CA ALA B 422 0.32 5.09 -13.25
C ALA B 422 -0.80 5.65 -14.15
N MET B 423 -2.04 5.32 -13.81
CA MET B 423 -3.21 5.78 -14.58
C MET B 423 -3.34 7.30 -14.55
N TYR B 424 -3.20 7.88 -13.36
CA TYR B 424 -3.27 9.33 -13.23
C TYR B 424 -2.19 9.98 -14.10
N ALA B 425 -0.97 9.46 -14.00
CA ALA B 425 0.13 10.07 -14.75
C ALA B 425 -0.07 9.96 -16.27
N LEU B 426 -0.56 8.81 -16.74
CA LEU B 426 -0.74 8.60 -18.17
C LEU B 426 -1.94 9.33 -18.75
N ASN B 427 -2.94 9.61 -17.92
CA ASN B 427 -4.16 10.23 -18.42
C ASN B 427 -4.23 11.74 -18.20
N TYR B 428 -3.49 12.26 -17.21
CA TYR B 428 -3.63 13.66 -16.85
C TYR B 428 -2.41 14.53 -17.08
N ASN B 429 -1.34 13.97 -17.67
CA ASN B 429 -0.22 14.81 -18.06
C ASN B 429 -0.68 15.81 -19.13
N ARG B 430 -0.15 17.03 -19.06
CA ARG B 430 -0.55 18.20 -19.85
C ARG B 430 -1.77 18.90 -19.26
N LEU B 431 -2.61 18.16 -18.55
CA LEU B 431 -3.78 18.75 -17.89
C LEU B 431 -3.43 19.09 -16.45
N HIS B 432 -2.73 18.17 -15.80
CA HIS B 432 -2.28 18.33 -14.42
C HIS B 432 -1.40 19.57 -14.24
N LYS B 433 -1.69 20.34 -13.19
CA LYS B 433 -0.87 21.50 -12.83
C LYS B 433 0.07 21.17 -11.67
N ASN B 434 1.36 21.41 -11.87
CA ASN B 434 2.37 21.11 -10.86
C ASN B 434 2.58 22.26 -9.86
N PRO B 435 2.63 21.92 -8.55
CA PRO B 435 2.95 22.86 -7.47
C PRO B 435 4.27 23.60 -7.70
N TYR B 436 5.29 22.90 -8.16
CA TYR B 436 6.58 23.51 -8.49
C TYR B 436 7.05 23.07 -9.87
N PRO B 437 6.51 23.71 -10.92
CA PRO B 437 6.79 23.31 -12.31
C PRO B 437 8.21 23.65 -12.75
N LEU B 438 8.69 22.97 -13.80
CA LEU B 438 9.94 23.31 -14.45
C LEU B 438 9.78 24.63 -15.22
N ASP B 439 10.90 25.24 -15.60
CA ASP B 439 10.87 26.43 -16.45
C ASP B 439 10.33 26.10 -17.83
N ALA B 440 9.90 27.13 -18.55
CA ALA B 440 9.42 26.99 -19.92
C ALA B 440 10.52 26.46 -20.83
N PRO B 441 10.21 25.42 -21.63
CA PRO B 441 11.09 24.74 -22.58
C PRO B 441 12.05 25.68 -23.30
#